data_8GJ4
#
_entry.id   8GJ4
#
_cell.length_a   42.229
_cell.length_b   123.997
_cell.length_c   176.200
_cell.angle_alpha   90.000
_cell.angle_beta   90.000
_cell.angle_gamma   90.000
#
_symmetry.space_group_name_H-M   'P 2 21 21'
#
loop_
_entity.id
_entity.type
_entity.pdbx_description
1 polymer 'Non-ribosomal peptide synthetase'
2 polymer 'MbtH-like short polypeptide'
3 non-polymer GLYCEROL
4 non-polymer '2-(N-MORPHOLINO)-ETHANESULFONIC ACID'
5 water water
#
loop_
_entity_poly.entity_id
_entity_poly.type
_entity_poly.pdbx_seq_one_letter_code
_entity_poly.pdbx_strand_id
1 'polypeptide(L)'
;MSTVPELLARQVTRAPDAVAVVDRDRVLTYRELDELAGRLSGRLIGRGVRRGDRVAVLLDRSADLVVTLLAIWKAGAAYV
PVDAGYPAPRVAFMVADSGASRMVCSAATRDGVPEGIEAIVVTDEEAFEASAAGARPGDLAYVMYTSGSTGIPKGVAVPH
RSVAELAGNPGWAVEPGDAVLMHAPYAFDASLFEIWVPLVSGGRVVIAEPGPVDARRLREAISSGVTRAHLTAGSFRAVA
EESPESFAGLREVLTGGDVVPAHAVARVRSACPRVRIRHLYGPTETTLCATWHLLEPGDEIGPVLPIGRPLPGRRAQVLD
ASLRAVAPGVIGDLYLSGAGLADGYLRRAGLTAERFVADPSAPGARMYRTGDLAQWTADGALLFAGRADDQGSHHHHHH
;
A,B
2 'polypeptide(L)' MTNPFDNEDGSFLVLVNGEGQHSLWPAFAEVPDGWTGVHGPASRQDCLGYVEQNWTDLRPKSLISQISD C,D
#
loop_
_chem_comp.id
_chem_comp.type
_chem_comp.name
_chem_comp.formula
GOL non-polymer GLYCEROL 'C3 H8 O3'
MES non-polymer '2-(N-MORPHOLINO)-ETHANESULFONIC ACID' 'C6 H13 N O4 S'
#
# COMPACT_ATOMS: atom_id res chain seq x y z
N SER A 2 -22.18 14.47 -1.01
CA SER A 2 -21.54 14.89 -2.26
C SER A 2 -22.19 14.22 -3.46
N THR A 3 -21.73 14.57 -4.65
CA THR A 3 -22.13 13.93 -5.89
C THR A 3 -20.87 13.77 -6.75
N VAL A 4 -20.87 12.75 -7.61
CA VAL A 4 -19.75 12.59 -8.54
C VAL A 4 -19.58 13.83 -9.40
N PRO A 5 -20.65 14.46 -9.92
CA PRO A 5 -20.44 15.71 -10.67
C PRO A 5 -19.75 16.79 -9.85
N GLU A 6 -20.06 16.90 -8.56
CA GLU A 6 -19.38 17.87 -7.71
C GLU A 6 -17.89 17.55 -7.59
N LEU A 7 -17.56 16.28 -7.38
CA LEU A 7 -16.15 15.91 -7.28
C LEU A 7 -15.46 16.13 -8.62
N LEU A 8 -16.16 15.87 -9.72
CA LEU A 8 -15.58 16.06 -11.05
C LEU A 8 -15.32 17.54 -11.33
N ALA A 9 -16.24 18.42 -10.93
CA ALA A 9 -16.05 19.85 -11.16
C ALA A 9 -14.78 20.35 -10.48
N ARG A 10 -14.41 19.78 -9.33
CA ARG A 10 -13.17 20.18 -8.69
C ARG A 10 -11.97 19.87 -9.57
N GLN A 11 -11.99 18.73 -10.25
CA GLN A 11 -10.88 18.37 -11.14
C GLN A 11 -10.86 19.24 -12.38
N VAL A 12 -12.03 19.54 -12.95
CA VAL A 12 -12.08 20.42 -14.11
C VAL A 12 -11.50 21.78 -13.77
N THR A 13 -11.78 22.29 -12.58
CA THR A 13 -11.24 23.58 -12.18
C THR A 13 -9.74 23.47 -11.99
N ARG A 14 -9.27 22.37 -11.40
CA ARG A 14 -7.87 22.26 -11.02
C ARG A 14 -6.97 22.05 -12.25
N ALA A 15 -7.41 21.23 -13.21
CA ALA A 15 -6.59 20.87 -14.35
C ALA A 15 -7.49 20.67 -15.56
N PRO A 16 -8.03 21.77 -16.11
CA PRO A 16 -9.00 21.62 -17.20
C PRO A 16 -8.45 20.97 -18.46
N ASP A 17 -7.15 21.09 -18.72
CA ASP A 17 -6.56 20.59 -19.95
C ASP A 17 -5.91 19.22 -19.76
N ALA A 18 -6.05 18.61 -18.59
CA ALA A 18 -5.64 17.22 -18.42
C ALA A 18 -6.55 16.30 -19.22
N VAL A 19 -6.01 15.16 -19.63
CA VAL A 19 -6.79 14.20 -20.40
C VAL A 19 -7.76 13.47 -19.47
N ALA A 20 -9.02 13.40 -19.88
CA ALA A 20 -10.05 12.69 -19.12
C ALA A 20 -10.44 11.36 -19.75
N VAL A 21 -10.62 11.32 -21.07
CA VAL A 21 -11.11 10.12 -21.75
C VAL A 21 -10.30 9.92 -23.02
N VAL A 22 -9.82 8.71 -23.22
CA VAL A 22 -9.11 8.29 -24.43
C VAL A 22 -9.94 7.21 -25.10
N ASP A 23 -10.35 7.45 -26.35
CA ASP A 23 -11.17 6.48 -27.09
C ASP A 23 -10.56 6.35 -28.47
N ARG A 24 -9.76 5.29 -28.64
CA ARG A 24 -9.03 5.07 -29.89
C ARG A 24 -8.24 6.35 -30.14
N ASP A 25 -8.54 7.06 -31.23
CA ASP A 25 -7.85 8.29 -31.56
C ASP A 25 -8.56 9.54 -31.05
N ARG A 26 -9.74 9.40 -30.44
CA ARG A 26 -10.45 10.54 -29.86
C ARG A 26 -9.98 10.76 -28.43
N VAL A 27 -9.57 11.98 -28.11
CA VAL A 27 -9.12 12.32 -26.76
C VAL A 27 -9.91 13.52 -26.25
N LEU A 28 -10.50 13.36 -25.07
CA LEU A 28 -11.24 14.43 -24.41
C LEU A 28 -10.50 14.89 -23.16
N THR A 29 -10.29 16.20 -23.05
CA THR A 29 -9.80 16.75 -21.80
C THR A 29 -10.96 16.88 -20.81
N TYR A 30 -10.62 17.20 -19.56
CA TYR A 30 -11.64 17.40 -18.55
C TYR A 30 -12.61 18.52 -18.95
N ARG A 31 -12.07 19.66 -19.41
CA ARG A 31 -12.93 20.76 -19.81
C ARG A 31 -13.78 20.39 -21.01
N GLU A 32 -13.20 19.67 -21.96
CA GLU A 32 -13.95 19.25 -23.14
C GLU A 32 -15.09 18.30 -22.75
N LEU A 33 -14.81 17.37 -21.85
CA LEU A 33 -15.85 16.46 -21.36
C LEU A 33 -16.96 17.24 -20.67
N ASP A 34 -16.60 18.18 -19.80
CA ASP A 34 -17.62 18.97 -19.11
C ASP A 34 -18.48 19.73 -20.10
N GLU A 35 -17.86 20.35 -21.11
CA GLU A 35 -18.61 21.14 -22.07
C GLU A 35 -19.49 20.26 -22.95
N LEU A 36 -18.98 19.12 -23.41
CA LEU A 36 -19.80 18.21 -24.20
C LEU A 36 -21.01 17.71 -23.40
N ALA A 37 -20.79 17.34 -22.14
CA ALA A 37 -21.89 16.87 -21.31
C ALA A 37 -22.90 17.98 -21.05
N GLY A 38 -22.42 19.22 -20.88
CA GLY A 38 -23.32 20.34 -20.73
C GLY A 38 -24.21 20.55 -21.94
N ARG A 39 -23.65 20.40 -23.14
CA ARG A 39 -24.46 20.58 -24.33
C ARG A 39 -25.51 19.48 -24.44
N LEU A 40 -25.12 18.23 -24.18
CA LEU A 40 -26.08 17.13 -24.23
C LEU A 40 -27.13 17.26 -23.12
N SER A 41 -26.72 17.77 -21.95
CA SER A 41 -27.69 18.04 -20.90
C SER A 41 -28.74 19.04 -21.37
N GLY A 42 -28.29 20.12 -22.03
CA GLY A 42 -29.24 21.08 -22.58
C GLY A 42 -30.21 20.44 -23.55
N ARG A 43 -29.71 19.53 -24.40
CA ARG A 43 -30.59 18.79 -25.29
C ARG A 43 -31.60 17.95 -24.52
N LEU A 44 -31.15 17.30 -23.45
CA LEU A 44 -32.06 16.47 -22.66
C LEU A 44 -33.14 17.31 -22.00
N ILE A 45 -32.74 18.43 -21.39
CA ILE A 45 -33.72 19.32 -20.78
C ILE A 45 -34.71 19.82 -21.83
N GLY A 46 -34.23 20.11 -23.03
CA GLY A 46 -35.13 20.60 -24.07
C GLY A 46 -36.10 19.57 -24.58
N ARG A 47 -35.71 18.29 -24.55
CA ARG A 47 -36.57 17.15 -24.87
C ARG A 47 -37.52 16.78 -23.74
N GLY A 48 -37.48 17.49 -22.62
CA GLY A 48 -38.38 17.28 -21.50
C GLY A 48 -37.86 16.53 -20.30
N VAL A 49 -36.57 16.24 -20.22
CA VAL A 49 -36.03 15.57 -19.04
C VAL A 49 -36.11 16.50 -17.85
N ARG A 50 -36.65 16.00 -16.73
CA ARG A 50 -36.79 16.78 -15.51
C ARG A 50 -36.15 16.04 -14.34
N ARG A 51 -35.96 16.76 -13.24
CA ARG A 51 -35.26 16.19 -12.09
C ARG A 51 -35.95 14.90 -11.65
N GLY A 52 -35.17 13.86 -11.41
CA GLY A 52 -35.69 12.58 -10.96
C GLY A 52 -36.13 11.62 -12.04
N ASP A 53 -36.27 12.08 -13.29
CA ASP A 53 -36.58 11.19 -14.39
C ASP A 53 -35.49 10.12 -14.52
N ARG A 54 -35.86 8.97 -15.07
CA ARG A 54 -34.91 7.91 -15.40
C ARG A 54 -34.77 7.86 -16.91
N VAL A 55 -33.52 7.86 -17.37
CA VAL A 55 -33.22 7.87 -18.79
C VAL A 55 -32.42 6.60 -19.08
N ALA A 56 -32.96 5.76 -19.95
CA ALA A 56 -32.24 4.55 -20.32
C ALA A 56 -31.09 4.91 -21.25
N VAL A 57 -30.05 4.08 -21.24
CA VAL A 57 -28.88 4.28 -22.08
C VAL A 57 -28.57 2.96 -22.76
N LEU A 58 -28.49 2.99 -24.09
CA LEU A 58 -28.22 1.81 -24.93
C LEU A 58 -27.09 2.22 -25.88
N LEU A 59 -25.84 2.04 -25.46
CA LEU A 59 -24.71 2.50 -26.24
C LEU A 59 -23.55 1.52 -26.10
N ASP A 60 -22.67 1.49 -27.11
CA ASP A 60 -21.42 0.76 -26.98
C ASP A 60 -20.44 1.63 -26.20
N ARG A 61 -19.49 1.00 -25.50
CA ARG A 61 -18.51 1.77 -24.76
C ARG A 61 -17.73 2.68 -25.71
N SER A 62 -17.51 3.91 -25.26
CA SER A 62 -17.03 4.97 -26.14
C SER A 62 -16.96 6.25 -25.31
N ALA A 63 -16.30 7.27 -25.88
CA ALA A 63 -16.33 8.57 -25.23
C ALA A 63 -17.77 9.09 -25.13
N ASP A 64 -18.59 8.81 -26.14
CA ASP A 64 -19.98 9.25 -26.11
C ASP A 64 -20.72 8.65 -24.92
N LEU A 65 -20.39 7.42 -24.54
CA LEU A 65 -21.04 6.83 -23.38
C LEU A 65 -20.74 7.64 -22.12
N VAL A 66 -19.48 8.01 -21.93
CA VAL A 66 -19.13 8.79 -20.73
C VAL A 66 -19.83 10.15 -20.76
N VAL A 67 -19.87 10.79 -21.92
CA VAL A 67 -20.56 12.08 -22.06
C VAL A 67 -22.02 11.91 -21.69
N THR A 68 -22.64 10.81 -22.14
CA THR A 68 -24.07 10.62 -21.94
C THR A 68 -24.42 10.44 -20.47
N LEU A 69 -23.67 9.59 -19.76
CA LEU A 69 -23.94 9.39 -18.35
C LEU A 69 -23.82 10.70 -17.56
N LEU A 70 -22.76 11.47 -17.83
CA LEU A 70 -22.60 12.75 -17.13
C LEU A 70 -23.69 13.73 -17.51
N ALA A 71 -24.12 13.72 -18.77
CA ALA A 71 -25.18 14.63 -19.21
C ALA A 71 -26.50 14.33 -18.52
N ILE A 72 -26.85 13.05 -18.41
CA ILE A 72 -28.07 12.66 -17.71
C ILE A 72 -28.03 13.18 -16.29
N TRP A 73 -26.88 13.03 -15.62
CA TRP A 73 -26.72 13.54 -14.27
C TRP A 73 -26.86 15.05 -14.20
N LYS A 74 -26.26 15.77 -15.15
CA LYS A 74 -26.35 17.23 -15.13
C LYS A 74 -27.78 17.71 -15.30
N ALA A 75 -28.62 16.92 -15.98
CA ALA A 75 -30.02 17.23 -16.16
C ALA A 75 -30.86 16.90 -14.95
N GLY A 76 -30.25 16.43 -13.86
CA GLY A 76 -30.99 16.09 -12.68
C GLY A 76 -31.58 14.70 -12.68
N ALA A 77 -31.27 13.91 -13.70
CA ALA A 77 -31.89 12.61 -13.91
C ALA A 77 -30.96 11.48 -13.51
N ALA A 78 -31.51 10.27 -13.56
CA ALA A 78 -30.82 9.03 -13.22
C ALA A 78 -30.71 8.19 -14.49
N TYR A 79 -29.58 7.54 -14.68
CA TYR A 79 -29.42 6.69 -15.85
C TYR A 79 -29.78 5.24 -15.53
N VAL A 80 -30.36 4.59 -16.52
CA VAL A 80 -30.73 3.19 -16.47
C VAL A 80 -29.90 2.47 -17.52
N PRO A 81 -28.78 1.86 -17.12
CA PRO A 81 -27.85 1.34 -18.13
C PRO A 81 -28.36 0.02 -18.68
N VAL A 82 -28.46 -0.07 -20.00
CA VAL A 82 -28.92 -1.27 -20.67
C VAL A 82 -27.80 -1.68 -21.60
N ASP A 83 -27.35 -2.93 -21.45
CA ASP A 83 -26.32 -3.49 -22.31
C ASP A 83 -26.87 -3.78 -23.69
N ALA A 84 -26.20 -3.27 -24.72
CA ALA A 84 -26.69 -3.43 -26.09
C ALA A 84 -26.85 -4.89 -26.48
N GLY A 85 -26.23 -5.83 -25.76
CA GLY A 85 -26.38 -7.22 -26.11
C GLY A 85 -27.51 -7.94 -25.41
N TYR A 86 -28.34 -7.24 -24.64
CA TYR A 86 -29.46 -7.90 -23.98
C TYR A 86 -30.56 -8.21 -24.99
N PRO A 87 -31.31 -9.30 -24.80
CA PRO A 87 -32.49 -9.54 -25.65
C PRO A 87 -33.56 -8.47 -25.47
N ALA A 88 -34.36 -8.29 -26.53
CA ALA A 88 -35.37 -7.24 -26.51
C ALA A 88 -36.36 -7.39 -25.36
N PRO A 89 -36.79 -8.59 -24.96
CA PRO A 89 -37.74 -8.66 -23.83
C PRO A 89 -37.12 -8.17 -22.53
N ARG A 90 -35.84 -8.46 -22.30
CA ARG A 90 -35.15 -7.93 -21.12
C ARG A 90 -35.04 -6.41 -21.18
N VAL A 91 -34.69 -5.86 -22.35
CA VAL A 91 -34.61 -4.40 -22.49
C VAL A 91 -35.97 -3.75 -22.23
N ALA A 92 -37.04 -4.32 -22.80
CA ALA A 92 -38.37 -3.75 -22.58
C ALA A 92 -38.72 -3.74 -21.11
N PHE A 93 -38.37 -4.80 -20.40
CA PHE A 93 -38.69 -4.87 -18.98
C PHE A 93 -37.97 -3.80 -18.19
N MET A 94 -36.66 -3.67 -18.43
CA MET A 94 -35.88 -2.69 -17.67
C MET A 94 -36.40 -1.28 -17.89
N VAL A 95 -36.74 -0.94 -19.14
CA VAL A 95 -37.24 0.40 -19.42
C VAL A 95 -38.57 0.63 -18.71
N ALA A 96 -39.49 -0.32 -18.81
CA ALA A 96 -40.82 -0.13 -18.23
C ALA A 96 -40.79 -0.20 -16.71
N ASP A 97 -40.08 -1.19 -16.16
CA ASP A 97 -40.02 -1.32 -14.71
C ASP A 97 -39.34 -0.10 -14.08
N SER A 98 -38.31 0.44 -14.73
CA SER A 98 -37.63 1.61 -14.19
C SER A 98 -38.43 2.89 -14.40
N GLY A 99 -39.44 2.87 -15.28
CA GLY A 99 -40.20 4.07 -15.53
C GLY A 99 -39.52 5.06 -16.46
N ALA A 100 -38.59 4.60 -17.29
CA ALA A 100 -37.91 5.47 -18.23
C ALA A 100 -38.82 5.67 -19.44
N SER A 101 -39.02 6.91 -19.85
CA SER A 101 -39.78 7.22 -21.06
C SER A 101 -38.89 7.59 -22.24
N ARG A 102 -37.59 7.72 -22.00
CA ARG A 102 -36.62 8.13 -22.99
C ARG A 102 -35.36 7.27 -22.88
N MET A 103 -34.71 7.06 -24.02
CA MET A 103 -33.52 6.22 -24.10
C MET A 103 -32.54 6.91 -25.03
N VAL A 104 -31.31 7.10 -24.55
CA VAL A 104 -30.23 7.61 -25.38
C VAL A 104 -29.60 6.43 -26.10
N CYS A 105 -29.41 6.57 -27.41
CA CYS A 105 -28.90 5.49 -28.24
C CYS A 105 -28.01 6.09 -29.30
N SER A 106 -27.44 5.22 -30.12
CA SER A 106 -26.62 5.59 -31.26
C SER A 106 -27.27 5.08 -32.54
N ALA A 107 -26.76 5.57 -33.67
CA ALA A 107 -27.20 5.01 -34.94
C ALA A 107 -27.16 3.50 -34.89
N ALA A 108 -26.05 2.94 -34.39
CA ALA A 108 -25.83 1.49 -34.39
C ALA A 108 -26.84 0.76 -33.50
N THR A 109 -27.28 1.36 -32.39
CA THR A 109 -28.21 0.73 -31.46
C THR A 109 -29.65 1.17 -31.61
N ARG A 110 -29.95 2.03 -32.59
CA ARG A 110 -31.27 2.66 -32.66
C ARG A 110 -32.35 1.60 -32.72
N ASP A 111 -32.05 0.45 -33.33
CA ASP A 111 -33.05 -0.57 -33.54
C ASP A 111 -33.44 -1.29 -32.27
N GLY A 112 -32.70 -1.10 -31.18
CA GLY A 112 -32.97 -1.69 -29.90
C GLY A 112 -33.86 -0.88 -28.98
N VAL A 113 -34.22 0.34 -29.35
CA VAL A 113 -35.14 1.14 -28.53
C VAL A 113 -36.53 0.53 -28.57
N PRO A 114 -37.14 0.21 -27.43
CA PRO A 114 -38.48 -0.39 -27.47
C PRO A 114 -39.52 0.58 -28.02
N GLU A 115 -40.59 0.00 -28.55
CA GLU A 115 -41.70 0.78 -29.08
C GLU A 115 -42.35 1.62 -27.98
N GLY A 116 -42.66 2.86 -28.30
CA GLY A 116 -43.28 3.76 -27.35
C GLY A 116 -42.30 4.56 -26.52
N ILE A 117 -41.00 4.33 -26.70
CA ILE A 117 -39.96 5.00 -25.93
C ILE A 117 -39.29 5.98 -26.87
N GLU A 118 -39.18 7.22 -26.42
CA GLU A 118 -38.52 8.25 -27.21
C GLU A 118 -37.04 7.92 -27.34
N ALA A 119 -36.55 7.85 -28.57
CA ALA A 119 -35.14 7.64 -28.85
C ALA A 119 -34.42 8.97 -29.00
N ILE A 120 -33.29 9.10 -28.32
CA ILE A 120 -32.41 10.25 -28.41
C ILE A 120 -31.07 9.79 -28.96
N VAL A 121 -30.81 10.07 -30.22
CA VAL A 121 -29.62 9.60 -30.91
C VAL A 121 -28.49 10.55 -30.55
N VAL A 122 -27.44 10.04 -29.92
CA VAL A 122 -26.48 10.95 -29.30
C VAL A 122 -25.74 11.71 -30.39
N THR A 123 -25.62 11.11 -31.58
CA THR A 123 -24.91 11.72 -32.70
C THR A 123 -25.90 12.57 -33.49
N ASP A 124 -26.39 13.64 -32.86
CA ASP A 124 -27.29 14.55 -33.57
C ASP A 124 -26.96 16.01 -33.27
N GLU A 129 -28.67 24.46 -26.80
CA GLU A 129 -27.67 25.07 -25.92
C GLU A 129 -27.46 24.39 -24.57
N ALA A 130 -26.23 24.44 -24.08
CA ALA A 130 -25.86 23.90 -22.77
C ALA A 130 -26.73 24.46 -21.64
N SER A 131 -27.20 23.57 -20.76
CA SER A 131 -28.00 23.99 -19.62
C SER A 131 -27.94 22.82 -18.64
N ALA A 132 -27.89 23.13 -17.35
CA ALA A 132 -27.84 22.07 -16.36
C ALA A 132 -28.73 22.38 -15.17
N ALA A 133 -29.48 21.37 -14.73
CA ALA A 133 -30.21 21.47 -13.48
C ALA A 133 -29.32 21.16 -12.29
N GLY A 134 -28.34 20.27 -12.47
CA GLY A 134 -27.44 19.98 -11.36
C GLY A 134 -27.84 18.74 -10.60
N ALA A 135 -26.85 17.90 -10.32
CA ALA A 135 -27.07 16.70 -9.52
C ALA A 135 -27.13 17.07 -8.04
N ARG A 136 -27.94 16.31 -7.29
CA ARG A 136 -28.10 16.49 -5.85
C ARG A 136 -27.91 15.18 -5.09
N PRO A 137 -27.36 15.25 -3.87
CA PRO A 137 -26.90 14.01 -3.22
C PRO A 137 -28.01 13.03 -2.91
N GLY A 138 -29.21 13.52 -2.60
CA GLY A 138 -30.32 12.65 -2.28
C GLY A 138 -31.11 12.16 -3.47
N ASP A 139 -30.86 12.72 -4.66
CA ASP A 139 -31.54 12.27 -5.86
C ASP A 139 -30.94 10.95 -6.34
N LEU A 140 -31.72 10.22 -7.11
CA LEU A 140 -31.22 8.98 -7.68
C LEU A 140 -30.16 9.29 -8.74
N ALA A 141 -29.08 8.50 -8.72
CA ALA A 141 -28.03 8.57 -9.72
C ALA A 141 -28.20 7.52 -10.82
N TYR A 142 -28.62 6.31 -10.47
CA TYR A 142 -28.85 5.28 -11.48
C TYR A 142 -29.75 4.20 -10.90
N VAL A 143 -30.28 3.38 -11.79
CA VAL A 143 -31.00 2.15 -11.43
C VAL A 143 -30.30 1.01 -12.16
N MET A 144 -29.65 0.12 -11.41
CA MET A 144 -28.94 -1.00 -11.99
C MET A 144 -29.67 -2.28 -11.63
N TYR A 145 -29.87 -3.13 -12.63
CA TYR A 145 -30.62 -4.36 -12.46
C TYR A 145 -29.68 -5.48 -12.05
N THR A 146 -30.12 -6.30 -11.10
CA THR A 146 -29.30 -7.40 -10.62
C THR A 146 -30.01 -8.75 -10.43
N GLY A 151 -34.08 -15.66 -9.36
CA GLY A 151 -33.42 -15.13 -10.54
C GLY A 151 -34.30 -14.24 -11.41
N ILE A 152 -35.07 -13.40 -10.74
CA ILE A 152 -35.97 -12.40 -11.34
C ILE A 152 -35.20 -11.09 -11.28
N PRO A 153 -35.11 -10.35 -12.37
CA PRO A 153 -34.32 -9.12 -12.35
C PRO A 153 -34.97 -8.06 -11.48
N LYS A 154 -34.11 -7.38 -10.73
CA LYS A 154 -34.54 -6.31 -9.85
C LYS A 154 -33.74 -5.04 -10.07
N GLY A 155 -34.42 -3.89 -9.97
CA GLY A 155 -33.77 -2.62 -10.06
C GLY A 155 -33.30 -2.03 -8.74
N VAL A 156 -32.00 -1.88 -8.61
CA VAL A 156 -31.39 -1.28 -7.42
C VAL A 156 -31.26 0.23 -7.62
N ALA A 157 -31.96 1.02 -6.81
CA ALA A 157 -31.98 2.47 -6.95
C ALA A 157 -30.93 3.09 -6.04
N VAL A 158 -29.90 3.69 -6.63
CA VAL A 158 -28.73 4.17 -5.90
C VAL A 158 -28.67 5.69 -5.94
N PRO A 159 -28.59 6.38 -4.80
CA PRO A 159 -28.53 7.84 -4.81
C PRO A 159 -27.13 8.37 -5.10
N HIS A 160 -27.09 9.62 -5.56
CA HIS A 160 -25.80 10.27 -5.85
C HIS A 160 -24.82 10.18 -4.68
N ARG A 161 -25.32 10.37 -3.46
CA ARG A 161 -24.45 10.37 -2.29
C ARG A 161 -23.70 9.05 -2.17
N SER A 162 -24.36 7.94 -2.47
CA SER A 162 -23.70 6.65 -2.37
C SER A 162 -22.65 6.47 -3.46
N VAL A 163 -22.95 6.94 -4.68
CA VAL A 163 -21.96 6.81 -5.76
C VAL A 163 -20.73 7.64 -5.42
N ALA A 164 -20.93 8.84 -4.86
CA ALA A 164 -19.81 9.70 -4.52
C ALA A 164 -19.00 9.14 -3.35
N GLU A 165 -19.68 8.55 -2.36
CA GLU A 165 -18.95 7.90 -1.28
C GLU A 165 -18.01 6.82 -1.81
N LEU A 166 -18.48 6.03 -2.78
CA LEU A 166 -17.65 5.01 -3.42
C LEU A 166 -16.54 5.63 -4.27
N ALA A 167 -16.91 6.50 -5.23
CA ALA A 167 -15.93 6.95 -6.21
C ALA A 167 -14.85 7.81 -5.58
N GLY A 168 -15.20 8.63 -4.59
CA GLY A 168 -14.25 9.51 -3.96
C GLY A 168 -13.52 8.92 -2.79
N ASN A 169 -13.68 7.62 -2.54
CA ASN A 169 -13.07 7.02 -1.37
C ASN A 169 -11.57 7.19 -1.42
N PRO A 170 -10.93 7.66 -0.36
CA PRO A 170 -9.47 7.85 -0.42
C PRO A 170 -8.68 6.55 -0.61
N GLY A 171 -9.26 5.40 -0.27
CA GLY A 171 -8.54 4.15 -0.39
C GLY A 171 -8.20 3.72 -1.81
N TRP A 172 -8.91 4.25 -2.81
CA TRP A 172 -8.61 3.83 -4.18
C TRP A 172 -7.18 4.20 -4.57
N ALA A 173 -6.69 5.33 -4.06
CA ALA A 173 -5.31 5.75 -4.30
C ALA A 173 -5.05 6.00 -5.78
N VAL A 174 -6.06 6.43 -6.52
CA VAL A 174 -5.91 6.78 -7.93
C VAL A 174 -5.50 8.24 -8.04
N GLU A 175 -4.49 8.50 -8.86
CA GLU A 175 -3.86 9.79 -8.98
C GLU A 175 -4.02 10.37 -10.37
N PRO A 176 -3.70 11.65 -10.57
CA PRO A 176 -3.83 12.24 -11.91
C PRO A 176 -3.02 11.53 -12.98
N GLY A 177 -1.87 10.95 -12.65
CA GLY A 177 -1.12 10.23 -13.66
C GLY A 177 -1.64 8.86 -14.01
N ASP A 178 -2.68 8.37 -13.35
CA ASP A 178 -3.19 7.03 -13.60
C ASP A 178 -4.05 6.99 -14.86
N ALA A 179 -4.08 5.82 -15.50
CA ALA A 179 -4.91 5.56 -16.66
C ALA A 179 -5.60 4.23 -16.41
N VAL A 180 -6.93 4.23 -16.36
CA VAL A 180 -7.69 3.05 -16.00
C VAL A 180 -8.36 2.49 -17.23
N LEU A 181 -8.22 1.19 -17.45
CA LEU A 181 -8.81 0.54 -18.61
C LEU A 181 -10.30 0.34 -18.37
N MET A 182 -11.12 0.75 -19.34
CA MET A 182 -12.57 0.68 -19.23
C MET A 182 -13.06 -0.40 -20.20
N HIS A 183 -13.63 -1.48 -19.66
CA HIS A 183 -14.15 -2.53 -20.53
C HIS A 183 -15.35 -3.28 -19.94
N ALA A 184 -15.60 -3.10 -18.65
CA ALA A 184 -16.76 -3.70 -18.01
C ALA A 184 -18.04 -3.11 -18.59
N PRO A 185 -19.12 -3.90 -18.64
CA PRO A 185 -20.42 -3.33 -19.05
C PRO A 185 -20.81 -2.20 -18.12
N TYR A 186 -21.25 -1.06 -18.66
CA TYR A 186 -21.71 0.05 -17.82
C TYR A 186 -22.99 -0.35 -17.06
N ALA A 187 -23.63 -1.43 -17.46
CA ALA A 187 -24.76 -2.00 -16.73
C ALA A 187 -24.27 -2.49 -15.38
N PHE A 188 -23.07 -3.00 -15.33
CA PHE A 188 -22.44 -3.48 -14.10
C PHE A 188 -21.74 -2.48 -13.14
N ASP A 189 -21.59 -2.88 -11.89
CA ASP A 189 -20.96 -2.06 -10.83
C ASP A 189 -19.50 -1.68 -11.06
N ALA A 190 -18.73 -2.56 -11.67
CA ALA A 190 -17.30 -2.36 -11.87
C ALA A 190 -17.06 -1.12 -12.70
N SER A 191 -18.05 -0.73 -13.47
CA SER A 191 -17.98 0.47 -14.27
C SER A 191 -17.75 1.70 -13.37
N LEU A 192 -18.26 1.68 -12.16
CA LEU A 192 -18.07 2.82 -11.31
C LEU A 192 -16.58 3.06 -11.05
N PHE A 193 -15.83 2.00 -10.81
CA PHE A 193 -14.39 2.15 -10.70
C PHE A 193 -13.71 2.57 -11.99
N GLU A 194 -14.12 1.95 -13.08
CA GLU A 194 -13.50 2.21 -14.38
C GLU A 194 -13.71 3.62 -14.88
N ILE A 195 -14.90 4.12 -14.67
CA ILE A 195 -15.22 5.44 -15.14
C ILE A 195 -15.14 6.55 -14.10
N TRP A 196 -15.80 6.39 -12.95
CA TRP A 196 -15.94 7.54 -12.06
C TRP A 196 -14.75 7.70 -11.12
N VAL A 197 -14.12 6.61 -10.68
CA VAL A 197 -12.96 6.75 -9.79
C VAL A 197 -11.85 7.54 -10.46
N PRO A 198 -11.40 7.22 -11.68
CA PRO A 198 -10.35 8.06 -12.28
C PRO A 198 -10.80 9.49 -12.50
N LEU A 199 -12.06 9.72 -12.89
CA LEU A 199 -12.47 11.09 -13.20
C LEU A 199 -12.57 11.97 -11.96
N VAL A 200 -12.95 11.41 -10.80
CA VAL A 200 -12.96 12.24 -9.59
C VAL A 200 -11.57 12.40 -9.03
N SER A 201 -10.58 11.68 -9.57
CA SER A 201 -9.21 11.68 -9.09
C SER A 201 -8.26 12.46 -9.99
N GLY A 202 -8.72 12.90 -11.15
CA GLY A 202 -7.83 13.59 -12.07
C GLY A 202 -7.18 12.70 -13.11
N GLY A 203 -7.40 11.39 -13.07
CA GLY A 203 -6.78 10.47 -14.01
C GLY A 203 -7.59 10.39 -15.29
N ARG A 204 -7.26 9.40 -16.11
CA ARG A 204 -7.94 9.22 -17.39
C ARG A 204 -8.56 7.84 -17.53
N VAL A 205 -9.62 7.80 -18.35
CA VAL A 205 -10.35 6.58 -18.68
C VAL A 205 -9.94 6.16 -20.08
N VAL A 206 -9.44 4.94 -20.23
CA VAL A 206 -8.99 4.45 -21.53
C VAL A 206 -10.00 3.40 -22.00
N ILE A 207 -10.77 3.75 -23.02
CA ILE A 207 -11.83 2.87 -23.52
C ILE A 207 -11.19 1.72 -24.27
N ALA A 208 -11.45 0.48 -23.84
CA ALA A 208 -10.90 -0.68 -24.52
C ALA A 208 -11.50 -0.86 -25.91
N GLU A 209 -10.66 -1.30 -26.85
CA GLU A 209 -11.12 -1.68 -28.18
C GLU A 209 -12.23 -2.71 -28.08
N PRO A 210 -13.12 -2.78 -29.07
CA PRO A 210 -14.26 -3.70 -28.96
C PRO A 210 -13.81 -5.15 -28.75
N GLY A 211 -14.64 -5.89 -28.02
CA GLY A 211 -14.40 -7.29 -27.75
C GLY A 211 -13.83 -7.50 -26.35
N PRO A 212 -13.72 -8.77 -25.95
CA PRO A 212 -13.26 -9.07 -24.59
C PRO A 212 -11.78 -8.74 -24.45
N VAL A 213 -11.40 -8.28 -23.25
CA VAL A 213 -9.99 -8.04 -22.94
C VAL A 213 -9.36 -9.36 -22.51
N ASP A 214 -8.41 -9.83 -23.32
CA ASP A 214 -7.64 -11.03 -23.02
C ASP A 214 -6.22 -10.63 -22.64
N ALA A 215 -5.38 -11.63 -22.32
CA ALA A 215 -4.04 -11.32 -21.84
C ALA A 215 -3.26 -10.47 -22.83
N ARG A 216 -3.37 -10.76 -24.12
CA ARG A 216 -2.63 -10.02 -25.11
C ARG A 216 -3.07 -8.57 -25.16
N ARG A 217 -4.39 -8.33 -25.17
CA ARG A 217 -4.89 -6.96 -25.17
C ARG A 217 -4.53 -6.22 -23.88
N LEU A 218 -4.47 -6.92 -22.74
CA LEU A 218 -4.02 -6.27 -21.51
C LEU A 218 -2.57 -5.81 -21.63
N ARG A 219 -1.70 -6.68 -22.15
CA ARG A 219 -0.30 -6.30 -22.33
C ARG A 219 -0.19 -5.08 -23.24
N GLU A 220 -0.97 -5.05 -24.32
CA GLU A 220 -0.94 -3.91 -25.22
C GLU A 220 -1.45 -2.66 -24.52
N ALA A 221 -2.52 -2.78 -23.73
CA ALA A 221 -3.03 -1.63 -23.00
C ALA A 221 -1.99 -1.10 -22.01
N ILE A 222 -1.26 -1.99 -21.35
CA ILE A 222 -0.24 -1.56 -20.40
C ILE A 222 0.89 -0.83 -21.12
N SER A 223 1.31 -1.36 -22.27
N SER A 223 1.29 -1.34 -22.29
CA SER A 223 2.37 -0.70 -23.03
CA SER A 223 2.37 -0.72 -23.05
C SER A 223 1.96 0.71 -23.44
C SER A 223 1.94 0.57 -23.74
N SER A 224 0.66 0.91 -23.68
CA SER A 224 0.16 2.21 -24.13
C SER A 224 -0.04 3.18 -22.98
N GLY A 225 0.18 2.74 -21.74
CA GLY A 225 0.11 3.63 -20.58
C GLY A 225 -0.94 3.27 -19.54
N VAL A 226 -1.73 2.21 -19.72
CA VAL A 226 -2.69 1.85 -18.69
C VAL A 226 -1.96 1.40 -17.44
N THR A 227 -2.40 1.94 -16.29
CA THR A 227 -1.78 1.65 -15.00
C THR A 227 -2.65 0.86 -14.05
N ARG A 228 -3.96 0.81 -14.26
CA ARG A 228 -4.85 0.07 -13.37
C ARG A 228 -5.92 -0.62 -14.21
N ALA A 229 -6.26 -1.85 -13.83
CA ALA A 229 -7.26 -2.60 -14.57
C ALA A 229 -7.98 -3.55 -13.62
N HIS A 230 -9.29 -3.63 -13.79
CA HIS A 230 -10.14 -4.57 -13.08
C HIS A 230 -10.51 -5.70 -14.02
N LEU A 231 -10.39 -6.93 -13.53
CA LEU A 231 -10.87 -8.09 -14.26
C LEU A 231 -11.90 -8.83 -13.41
N THR A 232 -12.94 -9.35 -14.06
CA THR A 232 -13.84 -10.26 -13.37
C THR A 232 -13.04 -11.43 -12.81
N ALA A 233 -13.58 -12.06 -11.78
CA ALA A 233 -12.91 -13.20 -11.17
C ALA A 233 -12.57 -14.27 -12.20
N GLY A 234 -13.50 -14.56 -13.10
CA GLY A 234 -13.24 -15.55 -14.13
C GLY A 234 -12.07 -15.21 -15.02
N SER A 235 -12.02 -13.96 -15.50
CA SER A 235 -10.93 -13.56 -16.38
C SER A 235 -9.60 -13.48 -15.62
N PHE A 236 -9.64 -13.02 -14.37
CA PHE A 236 -8.43 -12.94 -13.55
C PHE A 236 -7.84 -14.32 -13.32
N ARG A 237 -8.68 -15.30 -12.94
CA ARG A 237 -8.19 -16.65 -12.71
C ARG A 237 -7.56 -17.24 -13.96
N ALA A 238 -8.18 -17.00 -15.13
CA ALA A 238 -7.66 -17.55 -16.38
C ALA A 238 -6.27 -16.98 -16.66
N VAL A 239 -6.16 -15.65 -16.64
CA VAL A 239 -4.88 -15.03 -16.96
C VAL A 239 -3.83 -15.36 -15.91
N ALA A 240 -4.24 -15.42 -14.64
CA ALA A 240 -3.29 -15.75 -13.59
C ALA A 240 -2.67 -17.12 -13.81
N GLU A 241 -3.48 -18.07 -14.28
CA GLU A 241 -2.99 -19.42 -14.45
C GLU A 241 -2.30 -19.60 -15.78
N GLU A 242 -2.69 -18.82 -16.80
CA GLU A 242 -2.15 -19.04 -18.14
C GLU A 242 -0.97 -18.12 -18.46
N SER A 243 -1.00 -16.88 -18.00
CA SER A 243 -0.03 -15.86 -18.43
C SER A 243 0.06 -14.77 -17.36
N PRO A 244 0.44 -15.14 -16.14
CA PRO A 244 0.43 -14.16 -15.05
C PRO A 244 1.42 -13.02 -15.25
N GLU A 245 2.46 -13.24 -16.06
CA GLU A 245 3.37 -12.16 -16.37
C GLU A 245 2.73 -11.05 -17.20
N SER A 246 1.52 -11.27 -17.71
CA SER A 246 0.85 -10.25 -18.51
C SER A 246 0.41 -9.06 -17.66
N PHE A 247 0.36 -9.21 -16.34
CA PHE A 247 0.02 -8.07 -15.49
C PHE A 247 1.20 -7.16 -15.22
N ALA A 248 2.38 -7.54 -15.69
CA ALA A 248 3.58 -6.77 -15.38
C ALA A 248 3.47 -5.36 -15.95
N GLY A 249 3.84 -4.39 -15.12
CA GLY A 249 3.78 -3.00 -15.49
C GLY A 249 2.57 -2.26 -14.95
N LEU A 250 1.56 -2.99 -14.49
CA LEU A 250 0.43 -2.35 -13.83
C LEU A 250 0.84 -1.86 -12.45
N ARG A 251 0.27 -0.73 -12.05
CA ARG A 251 0.40 -0.31 -10.67
C ARG A 251 -0.51 -1.15 -9.77
N GLU A 252 -1.68 -1.54 -10.29
CA GLU A 252 -2.64 -2.30 -9.51
C GLU A 252 -3.56 -3.06 -10.44
N VAL A 253 -3.79 -4.33 -10.13
CA VAL A 253 -4.84 -5.13 -10.75
C VAL A 253 -5.92 -5.40 -9.70
N LEU A 254 -7.18 -5.31 -10.12
CA LEU A 254 -8.30 -5.49 -9.20
C LEU A 254 -9.17 -6.61 -9.72
N THR A 255 -9.84 -7.33 -8.81
CA THR A 255 -10.71 -8.42 -9.21
C THR A 255 -11.71 -8.71 -8.10
N GLY A 256 -12.84 -9.29 -8.48
CA GLY A 256 -13.84 -9.69 -7.52
C GLY A 256 -15.07 -10.22 -8.24
N GLY A 257 -16.10 -10.49 -7.45
CA GLY A 257 -17.28 -11.13 -7.98
C GLY A 257 -17.39 -12.58 -7.55
N ASP A 258 -17.03 -13.46 -8.48
CA ASP A 258 -17.03 -14.88 -8.20
C ASP A 258 -15.81 -15.21 -7.36
N VAL A 259 -15.68 -16.47 -6.99
CA VAL A 259 -14.59 -16.86 -6.11
C VAL A 259 -13.26 -16.68 -6.82
N VAL A 260 -12.27 -16.17 -6.09
CA VAL A 260 -10.89 -16.07 -6.58
C VAL A 260 -10.07 -16.93 -5.62
N PRO A 261 -9.44 -18.01 -6.09
CA PRO A 261 -8.64 -18.83 -5.18
C PRO A 261 -7.32 -18.16 -4.89
N ALA A 262 -6.82 -18.38 -3.66
CA ALA A 262 -5.53 -17.80 -3.29
C ALA A 262 -4.44 -18.16 -4.28
N HIS A 263 -4.51 -19.37 -4.85
CA HIS A 263 -3.46 -19.82 -5.76
C HIS A 263 -3.32 -18.88 -6.95
N ALA A 264 -4.44 -18.38 -7.47
CA ALA A 264 -4.38 -17.45 -8.60
C ALA A 264 -3.64 -16.16 -8.23
N VAL A 265 -3.95 -15.58 -7.07
CA VAL A 265 -3.24 -14.39 -6.62
C VAL A 265 -1.76 -14.67 -6.43
N ALA A 266 -1.42 -15.84 -5.88
CA ALA A 266 -0.01 -16.17 -5.66
C ALA A 266 0.74 -16.27 -6.97
N ARG A 267 0.09 -16.81 -8.01
CA ARG A 267 0.74 -16.88 -9.32
C ARG A 267 1.09 -15.49 -9.83
N VAL A 268 0.18 -14.53 -9.66
CA VAL A 268 0.45 -13.17 -10.12
C VAL A 268 1.58 -12.55 -9.31
N ARG A 269 1.55 -12.71 -7.98
CA ARG A 269 2.59 -12.13 -7.15
C ARG A 269 3.97 -12.67 -7.52
N SER A 270 4.07 -13.96 -7.79
CA SER A 270 5.39 -14.50 -8.12
C SER A 270 5.85 -14.11 -9.52
N ALA A 271 4.92 -13.84 -10.44
CA ALA A 271 5.34 -13.34 -11.76
C ALA A 271 5.58 -11.83 -11.74
N CYS A 272 4.88 -11.10 -10.89
CA CYS A 272 4.85 -9.63 -10.90
C CYS A 272 5.04 -9.16 -9.46
N PRO A 273 6.28 -9.16 -8.96
CA PRO A 273 6.47 -8.85 -7.54
C PRO A 273 5.98 -7.47 -7.13
N ARG A 274 5.89 -6.51 -8.06
CA ARG A 274 5.64 -5.12 -7.69
C ARG A 274 4.22 -4.64 -7.93
N VAL A 275 3.34 -5.48 -8.49
N VAL A 275 3.34 -5.50 -8.44
CA VAL A 275 1.98 -5.04 -8.77
CA VAL A 275 1.98 -5.09 -8.76
C VAL A 275 1.14 -5.21 -7.53
C VAL A 275 1.10 -5.23 -7.52
N ARG A 276 0.41 -4.15 -7.16
CA ARG A 276 -0.59 -4.22 -6.11
C ARG A 276 -1.74 -5.09 -6.60
N ILE A 277 -2.23 -5.99 -5.73
CA ILE A 277 -3.36 -6.85 -6.08
C ILE A 277 -4.49 -6.59 -5.10
N ARG A 278 -5.64 -6.16 -5.62
CA ARG A 278 -6.78 -5.81 -4.77
C ARG A 278 -7.97 -6.71 -5.09
N HIS A 279 -8.49 -7.34 -4.04
CA HIS A 279 -9.68 -8.17 -4.10
C HIS A 279 -10.86 -7.34 -3.59
N LEU A 280 -11.94 -7.30 -4.38
CA LEU A 280 -13.12 -6.55 -4.01
C LEU A 280 -14.27 -7.49 -3.69
N TYR A 281 -15.07 -7.11 -2.71
CA TYR A 281 -16.29 -7.84 -2.37
C TYR A 281 -17.44 -6.87 -2.10
N GLY A 282 -18.59 -7.13 -2.70
CA GLY A 282 -19.83 -6.51 -2.31
C GLY A 282 -20.92 -6.63 -3.36
N PRO A 283 -22.17 -6.50 -2.93
CA PRO A 283 -23.31 -6.56 -3.86
C PRO A 283 -23.64 -5.21 -4.49
N THR A 284 -24.47 -5.28 -5.54
CA THR A 284 -24.93 -4.06 -6.20
C THR A 284 -25.66 -3.17 -5.20
N GLU A 285 -26.33 -3.77 -4.21
CA GLU A 285 -27.08 -3.05 -3.21
C GLU A 285 -26.21 -2.15 -2.33
N THR A 286 -24.88 -2.34 -2.31
CA THR A 286 -24.03 -1.45 -1.54
C THR A 286 -22.92 -0.84 -2.40
N THR A 287 -23.21 -0.67 -3.69
CA THR A 287 -22.41 0.15 -4.60
C THR A 287 -20.99 -0.40 -4.81
N LEU A 288 -20.88 -1.36 -5.73
CA LEU A 288 -19.63 -1.97 -6.15
C LEU A 288 -18.98 -2.84 -5.07
N CYS A 289 -18.46 -2.25 -4.01
CA CYS A 289 -17.78 -3.04 -3.00
C CYS A 289 -17.91 -2.42 -1.62
N ALA A 290 -18.01 -3.30 -0.61
CA ALA A 290 -18.11 -2.91 0.79
C ALA A 290 -16.87 -3.26 1.59
N THR A 291 -16.13 -4.27 1.17
CA THR A 291 -14.88 -4.69 1.80
C THR A 291 -13.85 -4.92 0.71
N TRP A 292 -12.58 -4.90 1.09
CA TRP A 292 -11.56 -5.18 0.10
C TRP A 292 -10.31 -5.67 0.82
N HIS A 293 -9.45 -6.34 0.05
CA HIS A 293 -8.18 -6.87 0.55
C HIS A 293 -7.09 -6.48 -0.43
N LEU A 294 -6.06 -5.82 0.07
CA LEU A 294 -4.98 -5.32 -0.78
C LEU A 294 -3.72 -6.09 -0.43
N LEU A 295 -3.10 -6.67 -1.46
CA LEU A 295 -1.81 -7.34 -1.34
C LEU A 295 -0.78 -6.34 -1.85
N GLU A 296 0.07 -5.85 -0.93
CA GLU A 296 1.09 -4.88 -1.28
C GLU A 296 2.21 -5.55 -2.05
N PRO A 297 2.95 -4.77 -2.84
CA PRO A 297 4.07 -5.33 -3.59
C PRO A 297 5.00 -6.11 -2.65
N GLY A 298 5.48 -7.25 -3.10
CA GLY A 298 6.39 -8.05 -2.30
C GLY A 298 5.75 -8.97 -1.28
N ASP A 299 4.51 -8.73 -0.89
CA ASP A 299 3.85 -9.56 0.10
C ASP A 299 3.21 -10.76 -0.57
N GLU A 300 3.20 -11.89 0.13
CA GLU A 300 2.64 -13.15 -0.34
C GLU A 300 1.30 -13.39 0.32
N ILE A 301 0.40 -14.07 -0.40
CA ILE A 301 -0.99 -14.11 0.03
C ILE A 301 -1.21 -15.13 1.14
N GLY A 302 -0.57 -16.29 1.07
CA GLY A 302 -0.84 -17.34 2.03
C GLY A 302 -2.04 -18.15 1.62
N PRO A 303 -2.58 -18.98 2.51
CA PRO A 303 -3.47 -20.06 2.03
C PRO A 303 -4.90 -19.62 1.72
N VAL A 304 -5.38 -18.52 2.28
CA VAL A 304 -6.76 -18.08 2.07
C VAL A 304 -6.76 -16.62 1.61
N LEU A 305 -7.62 -16.30 0.66
CA LEU A 305 -7.78 -14.93 0.21
C LEU A 305 -8.95 -14.29 0.95
N PRO A 306 -8.71 -13.36 1.88
CA PRO A 306 -9.82 -12.72 2.58
C PRO A 306 -10.65 -11.87 1.62
N ILE A 307 -11.95 -11.73 1.95
CA ILE A 307 -12.69 -10.61 1.38
C ILE A 307 -12.29 -9.30 2.04
N GLY A 308 -11.61 -9.35 3.18
CA GLY A 308 -10.87 -8.21 3.63
C GLY A 308 -11.54 -7.37 4.70
N ARG A 309 -11.25 -6.06 4.66
CA ARG A 309 -11.77 -5.11 5.61
C ARG A 309 -12.73 -4.13 4.96
N PRO A 310 -13.70 -3.63 5.70
CA PRO A 310 -14.61 -2.62 5.17
C PRO A 310 -13.84 -1.45 4.59
N LEU A 311 -14.31 -0.90 3.47
CA LEU A 311 -13.76 0.34 2.96
C LEU A 311 -13.86 1.44 4.03
N PRO A 312 -12.96 2.42 3.99
CA PRO A 312 -13.15 3.62 4.81
C PRO A 312 -14.57 4.15 4.69
N GLY A 313 -15.22 4.37 5.85
CA GLY A 313 -16.58 4.87 5.90
C GLY A 313 -17.66 3.81 5.93
N ARG A 314 -17.30 2.54 5.82
CA ARG A 314 -18.24 1.44 5.86
C ARG A 314 -18.00 0.58 7.09
N ARG A 315 -18.97 -0.28 7.36
CA ARG A 315 -18.91 -1.19 8.48
C ARG A 315 -19.49 -2.53 8.05
N ALA A 316 -19.01 -3.59 8.69
CA ALA A 316 -19.53 -4.93 8.50
C ALA A 316 -19.81 -5.52 9.86
N GLN A 317 -20.82 -6.39 9.90
CA GLN A 317 -21.16 -7.13 11.10
C GLN A 317 -21.39 -8.57 10.71
N VAL A 318 -20.94 -9.49 11.58
CA VAL A 318 -21.22 -10.90 11.43
C VAL A 318 -22.08 -11.26 12.65
N LEU A 319 -23.34 -11.60 12.41
CA LEU A 319 -24.32 -11.82 13.46
C LEU A 319 -24.83 -13.24 13.40
N ASP A 320 -25.25 -13.77 14.56
CA ASP A 320 -25.81 -15.11 14.58
C ASP A 320 -27.32 -15.04 14.35
N ALA A 321 -27.99 -16.17 14.54
CA ALA A 321 -29.42 -16.20 14.20
C ALA A 321 -30.27 -15.39 15.17
N SER A 322 -29.69 -14.97 16.29
CA SER A 322 -30.34 -14.08 17.23
C SER A 322 -29.98 -12.61 17.02
N LEU A 323 -29.24 -12.30 15.96
CA LEU A 323 -28.77 -10.95 15.65
C LEU A 323 -27.75 -10.41 16.64
N ARG A 324 -27.02 -11.29 17.33
CA ARG A 324 -25.92 -10.87 18.20
C ARG A 324 -24.59 -11.06 17.50
N ALA A 325 -23.67 -10.14 17.73
CA ALA A 325 -22.35 -10.25 17.11
C ALA A 325 -21.62 -11.46 17.65
N VAL A 326 -20.99 -12.19 16.75
CA VAL A 326 -20.25 -13.39 17.12
C VAL A 326 -18.80 -13.00 17.36
N ALA A 327 -18.06 -13.88 18.04
CA ALA A 327 -16.66 -13.63 18.27
C ALA A 327 -15.84 -14.00 17.04
N PRO A 328 -14.57 -13.58 16.99
CA PRO A 328 -13.74 -13.94 15.84
C PRO A 328 -13.66 -15.45 15.67
N GLY A 329 -13.48 -15.89 14.43
CA GLY A 329 -13.42 -17.30 14.12
C GLY A 329 -14.75 -18.04 14.14
N VAL A 330 -15.87 -17.34 14.25
CA VAL A 330 -17.21 -17.94 14.27
C VAL A 330 -17.95 -17.50 13.02
N ILE A 331 -18.50 -18.47 12.28
CA ILE A 331 -19.22 -18.17 11.06
C ILE A 331 -20.63 -17.69 11.38
N GLY A 332 -21.02 -16.56 10.78
CA GLY A 332 -22.35 -16.03 10.91
C GLY A 332 -22.81 -15.31 9.66
N ASP A 333 -23.94 -14.64 9.78
CA ASP A 333 -24.55 -13.91 8.67
C ASP A 333 -23.89 -12.54 8.55
N LEU A 334 -23.52 -12.17 7.33
CA LEU A 334 -22.82 -10.93 7.07
C LEU A 334 -23.80 -9.82 6.71
N TYR A 335 -23.66 -8.67 7.38
CA TYR A 335 -24.46 -7.49 7.11
C TYR A 335 -23.52 -6.32 6.83
N LEU A 336 -23.90 -5.47 5.87
CA LEU A 336 -23.03 -4.37 5.44
C LEU A 336 -23.73 -3.05 5.73
N SER A 337 -23.00 -2.09 6.28
CA SER A 337 -23.61 -0.83 6.65
C SER A 337 -22.61 0.32 6.46
N GLY A 338 -23.04 1.50 6.88
CA GLY A 338 -22.32 2.74 6.72
C GLY A 338 -22.58 3.34 5.35
N ALA A 339 -21.54 3.82 4.70
CA ALA A 339 -21.72 4.52 3.45
C ALA A 339 -22.05 3.54 2.33
N GLY A 340 -22.69 4.05 1.28
CA GLY A 340 -22.82 3.35 0.02
C GLY A 340 -24.08 2.54 -0.18
N LEU A 341 -25.01 2.52 0.77
CA LEU A 341 -26.21 1.72 0.60
C LEU A 341 -27.09 2.34 -0.48
N ALA A 342 -27.72 1.48 -1.28
CA ALA A 342 -28.77 1.93 -2.17
C ALA A 342 -29.97 2.40 -1.36
N ASP A 343 -30.82 3.23 -2.00
CA ASP A 343 -32.10 3.56 -1.39
C ASP A 343 -32.96 2.33 -1.21
N GLY A 344 -32.94 1.44 -2.19
CA GLY A 344 -33.71 0.22 -2.12
C GLY A 344 -33.97 -0.32 -3.52
N TYR A 345 -35.03 -1.12 -3.62
CA TYR A 345 -35.44 -1.74 -4.87
C TYR A 345 -36.60 -0.95 -5.44
N LEU A 346 -36.43 -0.42 -6.65
CA LEU A 346 -37.45 0.42 -7.24
C LEU A 346 -38.80 -0.31 -7.29
N ARG A 347 -39.85 0.39 -6.86
CA ARG A 347 -41.22 -0.09 -6.87
C ARG A 347 -41.48 -1.28 -5.96
N ARG A 348 -40.54 -1.63 -5.09
CA ARG A 348 -40.65 -2.85 -4.27
C ARG A 348 -40.26 -2.54 -2.82
N ALA A 349 -41.13 -1.80 -2.14
CA ALA A 349 -40.83 -1.37 -0.78
C ALA A 349 -40.79 -2.54 0.19
N GLY A 350 -41.65 -3.53 0.01
CA GLY A 350 -41.65 -4.69 0.91
C GLY A 350 -40.33 -5.44 0.85
N LEU A 351 -39.87 -5.74 -0.37
CA LEU A 351 -38.59 -6.39 -0.53
C LEU A 351 -37.47 -5.54 0.04
N THR A 352 -37.54 -4.23 -0.13
CA THR A 352 -36.53 -3.35 0.43
C THR A 352 -36.49 -3.48 1.95
N ALA A 353 -37.67 -3.52 2.57
CA ALA A 353 -37.75 -3.52 4.02
C ALA A 353 -37.29 -4.83 4.64
N GLU A 354 -37.24 -5.91 3.86
CA GLU A 354 -36.76 -7.18 4.42
C GLU A 354 -35.29 -7.43 4.17
N ARG A 355 -34.62 -6.62 3.34
CA ARG A 355 -33.18 -6.77 3.09
C ARG A 355 -32.35 -5.58 3.52
N PHE A 356 -32.91 -4.37 3.50
CA PHE A 356 -32.26 -3.17 4.04
C PHE A 356 -32.89 -2.91 5.41
N VAL A 357 -32.31 -3.49 6.46
CA VAL A 357 -32.97 -3.60 7.75
C VAL A 357 -32.28 -2.69 8.77
N ALA A 358 -32.97 -2.48 9.89
CA ALA A 358 -32.43 -1.60 10.92
C ALA A 358 -31.10 -2.14 11.45
N ASP A 359 -30.16 -1.21 11.68
CA ASP A 359 -28.82 -1.53 12.12
C ASP A 359 -28.73 -1.33 13.63
N PRO A 360 -28.60 -2.39 14.43
CA PRO A 360 -28.60 -2.20 15.89
C PRO A 360 -27.39 -1.44 16.42
N SER A 361 -26.36 -1.22 15.60
CA SER A 361 -25.12 -0.60 16.05
C SER A 361 -24.97 0.85 15.66
N ALA A 362 -25.95 1.43 14.95
CA ALA A 362 -25.86 2.80 14.43
C ALA A 362 -27.23 3.47 14.46
N PRO A 363 -27.41 4.54 15.24
CA PRO A 363 -28.77 5.02 15.50
C PRO A 363 -29.47 5.41 14.20
N GLY A 364 -30.69 4.89 14.01
CA GLY A 364 -31.47 5.25 12.85
C GLY A 364 -30.97 4.72 11.53
N ALA A 365 -29.93 3.89 11.54
CA ALA A 365 -29.32 3.50 10.27
C ALA A 365 -29.79 2.12 9.82
N ARG A 366 -29.48 1.81 8.56
N ARG A 366 -29.48 1.81 8.57
CA ARG A 366 -29.83 0.54 7.94
CA ARG A 366 -29.82 0.54 7.95
C ARG A 366 -28.58 -0.25 7.62
C ARG A 366 -28.56 -0.27 7.69
N MET A 367 -28.73 -1.57 7.53
CA MET A 367 -27.67 -2.48 7.12
C MET A 367 -28.26 -3.41 6.06
N TYR A 368 -27.43 -3.81 5.10
CA TYR A 368 -27.87 -4.66 4.00
C TYR A 368 -27.57 -6.12 4.31
N ARG A 369 -28.60 -6.97 4.28
CA ARG A 369 -28.46 -8.40 4.53
C ARG A 369 -27.90 -9.10 3.29
N THR A 370 -26.63 -9.48 3.30
CA THR A 370 -26.01 -9.95 2.07
C THR A 370 -26.50 -11.34 1.66
N GLY A 371 -26.96 -12.13 2.62
CA GLY A 371 -27.22 -13.54 2.36
C GLY A 371 -25.96 -14.38 2.28
N ASP A 372 -24.80 -13.80 2.56
CA ASP A 372 -23.55 -14.54 2.61
C ASP A 372 -23.17 -14.83 4.06
N LEU A 373 -22.31 -15.84 4.22
CA LEU A 373 -21.75 -16.20 5.51
C LEU A 373 -20.28 -15.78 5.55
N ALA A 374 -19.83 -15.41 6.74
CA ALA A 374 -18.45 -14.95 6.88
C ALA A 374 -18.00 -15.16 8.32
N GLN A 375 -16.69 -15.03 8.52
CA GLN A 375 -16.14 -15.04 9.87
C GLN A 375 -15.06 -13.98 9.93
N TRP A 376 -14.87 -13.43 11.14
CA TRP A 376 -13.81 -12.47 11.34
C TRP A 376 -12.50 -13.18 11.66
N THR A 377 -11.39 -12.58 11.26
CA THR A 377 -10.14 -12.95 11.88
C THR A 377 -9.96 -12.16 13.18
N ALA A 378 -8.97 -12.56 13.97
CA ALA A 378 -8.76 -11.96 15.29
C ALA A 378 -8.46 -10.47 15.18
N ASP A 379 -7.85 -10.05 14.06
CA ASP A 379 -7.45 -8.66 13.89
C ASP A 379 -8.34 -7.91 12.93
N GLY A 380 -9.51 -8.45 12.65
CA GLY A 380 -10.56 -7.65 12.06
C GLY A 380 -10.71 -7.71 10.56
N ALA A 381 -10.18 -8.73 9.91
CA ALA A 381 -10.53 -8.99 8.53
C ALA A 381 -11.62 -10.04 8.42
N LEU A 382 -12.20 -10.12 7.23
CA LEU A 382 -13.30 -11.02 6.97
C LEU A 382 -12.87 -12.11 5.99
N LEU A 383 -13.31 -13.33 6.28
CA LEU A 383 -13.17 -14.48 5.41
C LEU A 383 -14.54 -14.92 4.92
N PHE A 384 -14.66 -15.18 3.63
CA PHE A 384 -15.92 -15.64 3.08
C PHE A 384 -16.15 -17.07 3.52
N ALA A 385 -17.39 -17.41 3.84
CA ALA A 385 -17.72 -18.75 4.27
C ALA A 385 -18.90 -19.34 3.50
N GLY A 386 -19.15 -18.82 2.29
CA GLY A 386 -20.13 -19.30 1.36
C GLY A 386 -21.46 -18.59 1.48
N ARG A 387 -22.26 -18.75 0.45
CA ARG A 387 -23.61 -18.24 0.51
C ARG A 387 -24.37 -19.09 1.52
N ALA A 388 -25.27 -18.45 2.29
CA ALA A 388 -26.11 -19.14 3.25
C ALA A 388 -27.06 -20.16 2.64
N ASP A 389 -27.43 -20.02 1.37
CA ASP A 389 -28.29 -21.01 0.74
C ASP A 389 -27.40 -22.07 0.05
N SER B 2 22.69 -9.67 -4.80
CA SER B 2 22.81 -8.49 -5.65
C SER B 2 23.68 -7.44 -4.96
N THR B 3 23.91 -6.33 -5.65
CA THR B 3 24.54 -5.14 -5.07
C THR B 3 23.75 -3.94 -5.56
N VAL B 4 23.78 -2.86 -4.77
CA VAL B 4 23.13 -1.62 -5.21
C VAL B 4 23.74 -1.12 -6.50
N PRO B 5 25.06 -1.17 -6.70
CA PRO B 5 25.60 -0.74 -8.01
C PRO B 5 25.03 -1.54 -9.18
N GLU B 6 24.79 -2.85 -8.99
CA GLU B 6 24.16 -3.64 -10.04
C GLU B 6 22.73 -3.16 -10.30
N LEU B 7 21.97 -2.91 -9.23
CA LEU B 7 20.60 -2.44 -9.39
C LEU B 7 20.58 -1.06 -10.00
N LEU B 8 21.53 -0.19 -9.62
N LEU B 8 21.55 -0.20 -9.65
CA LEU B 8 21.59 1.13 -10.22
CA LEU B 8 21.62 1.14 -10.19
C LEU B 8 21.94 1.06 -11.69
C LEU B 8 22.03 1.14 -11.65
N ALA B 9 22.91 0.21 -12.05
CA ALA B 9 23.30 0.11 -13.45
C ALA B 9 22.11 -0.21 -14.34
N ARG B 10 21.19 -1.06 -13.86
CA ARG B 10 20.00 -1.35 -14.63
C ARG B 10 19.18 -0.08 -14.89
N GLN B 11 19.12 0.82 -13.91
N GLN B 11 19.12 0.83 -13.92
CA GLN B 11 18.39 2.06 -14.12
CA GLN B 11 18.38 2.07 -14.13
C GLN B 11 19.14 2.99 -15.07
C GLN B 11 19.13 3.02 -15.04
N VAL B 12 20.47 3.01 -14.98
CA VAL B 12 21.25 3.85 -15.89
C VAL B 12 21.04 3.41 -17.33
N THR B 13 20.97 2.10 -17.56
CA THR B 13 20.74 1.60 -18.91
C THR B 13 19.34 1.92 -19.38
N ARG B 14 18.34 1.73 -18.50
CA ARG B 14 16.95 1.88 -18.91
C ARG B 14 16.62 3.32 -19.27
N ALA B 15 17.11 4.28 -18.48
CA ALA B 15 16.70 5.68 -18.59
C ALA B 15 17.87 6.56 -18.22
N PRO B 16 18.90 6.61 -19.07
CA PRO B 16 20.10 7.38 -18.69
C PRO B 16 19.83 8.87 -18.51
N ASP B 17 18.80 9.42 -19.16
CA ASP B 17 18.54 10.85 -19.09
C ASP B 17 17.46 11.22 -18.09
N ALA B 18 16.95 10.26 -17.32
CA ALA B 18 16.10 10.55 -16.17
C ALA B 18 16.89 11.31 -15.10
N VAL B 19 16.19 12.15 -14.34
CA VAL B 19 16.82 12.89 -13.26
C VAL B 19 17.05 11.94 -12.08
N ALA B 20 18.29 11.89 -11.60
CA ALA B 20 18.68 11.10 -10.45
C ALA B 20 18.79 11.91 -9.15
N VAL B 21 19.41 13.07 -9.21
CA VAL B 21 19.59 13.89 -8.03
C VAL B 21 19.32 15.36 -8.27
N VAL B 22 18.59 15.98 -7.37
CA VAL B 22 18.36 17.40 -7.46
C VAL B 22 18.95 18.07 -6.24
N ASP B 23 19.83 19.03 -6.47
CA ASP B 23 20.51 19.73 -5.41
C ASP B 23 20.37 21.22 -5.68
N ARG B 24 19.25 21.78 -5.29
CA ARG B 24 19.01 23.18 -5.53
C ARG B 24 19.09 23.34 -7.03
N ASP B 25 19.92 24.24 -7.51
CA ASP B 25 20.09 24.39 -8.94
C ASP B 25 20.64 23.17 -9.65
N ARG B 26 21.62 22.48 -9.08
CA ARG B 26 22.21 21.37 -9.79
C ARG B 26 21.33 20.18 -9.90
N VAL B 27 21.28 19.62 -11.09
CA VAL B 27 20.53 18.40 -11.32
C VAL B 27 21.47 17.42 -11.98
N LEU B 28 21.50 16.19 -11.49
CA LEU B 28 22.28 15.17 -12.11
C LEU B 28 21.37 14.13 -12.70
N THR B 29 21.58 13.77 -13.96
CA THR B 29 20.84 12.66 -14.56
C THR B 29 21.50 11.38 -14.13
N TYR B 30 20.84 10.27 -14.37
CA TYR B 30 21.45 8.97 -14.06
C TYR B 30 22.78 8.79 -14.79
N ARG B 31 22.83 9.15 -16.07
CA ARG B 31 24.08 9.06 -16.82
C ARG B 31 25.16 9.92 -16.19
N GLU B 32 24.82 11.16 -15.81
CA GLU B 32 25.82 12.04 -15.20
C GLU B 32 26.29 11.50 -13.86
N LEU B 33 25.38 10.98 -13.05
CA LEU B 33 25.78 10.41 -11.77
C LEU B 33 26.77 9.27 -11.96
N ASP B 34 26.49 8.37 -12.90
CA ASP B 34 27.40 7.26 -13.13
C ASP B 34 28.76 7.73 -13.61
N GLU B 35 28.79 8.73 -14.49
CA GLU B 35 30.06 9.21 -15.03
C GLU B 35 30.89 9.92 -13.97
N LEU B 36 30.26 10.75 -13.14
CA LEU B 36 31.01 11.45 -12.10
C LEU B 36 31.52 10.47 -11.04
N ALA B 37 30.74 9.45 -10.70
CA ALA B 37 31.22 8.43 -9.77
C ALA B 37 32.39 7.65 -10.39
N GLY B 38 32.31 7.36 -11.69
CA GLY B 38 33.41 6.68 -12.34
C GLY B 38 34.68 7.49 -12.32
N ARG B 39 34.57 8.82 -12.48
CA ARG B 39 35.75 9.67 -12.42
C ARG B 39 36.41 9.61 -11.06
N LEU B 40 35.62 9.71 -9.99
CA LEU B 40 36.20 9.67 -8.65
C LEU B 40 36.68 8.27 -8.30
N SER B 41 35.96 7.24 -8.76
CA SER B 41 36.44 5.88 -8.55
C SER B 41 37.81 5.68 -9.18
N GLY B 42 38.03 6.29 -10.35
CA GLY B 42 39.34 6.22 -10.98
C GLY B 42 40.42 6.89 -10.16
N ARG B 43 40.08 7.99 -9.47
CA ARG B 43 41.05 8.62 -8.58
C ARG B 43 41.39 7.73 -7.40
N LEU B 44 40.41 6.99 -6.87
CA LEU B 44 40.71 6.09 -5.76
C LEU B 44 41.59 4.93 -6.23
N ILE B 45 41.21 4.30 -7.35
CA ILE B 45 42.00 3.20 -7.86
C ILE B 45 43.40 3.69 -8.21
N GLY B 46 43.50 4.90 -8.75
CA GLY B 46 44.79 5.45 -9.12
C GLY B 46 45.71 5.62 -7.93
N ARG B 47 45.15 5.92 -6.76
CA ARG B 47 45.97 6.02 -5.56
C ARG B 47 46.35 4.66 -5.01
N GLY B 48 45.72 3.58 -5.47
CA GLY B 48 46.00 2.26 -4.96
C GLY B 48 44.91 1.66 -4.10
N VAL B 49 43.76 2.33 -3.95
CA VAL B 49 42.68 1.75 -3.18
C VAL B 49 42.35 0.39 -3.73
N ARG B 50 42.24 -0.58 -2.84
CA ARG B 50 42.04 -1.98 -3.18
C ARG B 50 40.73 -2.49 -2.58
N ARG B 51 40.28 -3.62 -3.12
CA ARG B 51 39.04 -4.24 -2.66
C ARG B 51 39.05 -4.40 -1.14
N GLY B 52 37.98 -3.95 -0.50
CA GLY B 52 37.87 -4.08 0.93
C GLY B 52 38.44 -2.94 1.74
N ASP B 53 39.16 -2.01 1.10
CA ASP B 53 39.59 -0.81 1.81
C ASP B 53 38.37 -0.04 2.28
N ARG B 54 38.55 0.75 3.33
CA ARG B 54 37.49 1.58 3.89
C ARG B 54 37.87 3.04 3.68
N VAL B 55 36.94 3.80 3.11
CA VAL B 55 37.13 5.21 2.77
C VAL B 55 36.10 6.00 3.56
N ALA B 56 36.57 6.89 4.42
CA ALA B 56 35.67 7.71 5.21
C ALA B 56 35.14 8.86 4.37
N VAL B 57 33.97 9.36 4.74
CA VAL B 57 33.29 10.40 3.97
C VAL B 57 32.86 11.51 4.93
N LEU B 58 33.28 12.74 4.63
CA LEU B 58 33.03 13.92 5.47
C LEU B 58 32.55 15.04 4.55
N LEU B 59 31.25 15.09 4.30
CA LEU B 59 30.67 16.01 3.35
C LEU B 59 29.34 16.51 3.87
N ASP B 60 28.96 17.71 3.44
CA ASP B 60 27.60 18.17 3.63
C ASP B 60 26.72 17.52 2.57
N ARG B 61 25.45 17.30 2.91
CA ARG B 61 24.57 16.66 1.95
C ARG B 61 24.51 17.49 0.68
N SER B 62 24.59 16.81 -0.46
CA SER B 62 24.87 17.47 -1.73
C SER B 62 24.88 16.39 -2.81
N ALA B 63 24.83 16.83 -4.06
CA ALA B 63 24.99 15.90 -5.18
C ALA B 63 26.35 15.21 -5.10
N ASP B 64 27.38 15.94 -4.67
CA ASP B 64 28.71 15.36 -4.60
C ASP B 64 28.78 14.23 -3.56
N LEU B 65 27.93 14.29 -2.54
CA LEU B 65 27.88 13.19 -1.59
C LEU B 65 27.42 11.91 -2.28
N VAL B 66 26.33 11.99 -3.03
CA VAL B 66 25.81 10.78 -3.69
C VAL B 66 26.86 10.23 -4.65
N VAL B 67 27.49 11.12 -5.42
CA VAL B 67 28.58 10.70 -6.30
C VAL B 67 29.67 9.98 -5.51
N THR B 68 30.03 10.51 -4.35
CA THR B 68 31.14 9.96 -3.57
C THR B 68 30.82 8.55 -3.08
N LEU B 69 29.63 8.33 -2.54
CA LEU B 69 29.30 7.01 -2.01
C LEU B 69 29.33 5.97 -3.13
N LEU B 70 28.76 6.30 -4.28
CA LEU B 70 28.80 5.37 -5.41
C LEU B 70 30.22 5.15 -5.90
N ALA B 71 31.04 6.20 -5.93
CA ALA B 71 32.42 6.07 -6.38
C ALA B 71 33.21 5.10 -5.51
N ILE B 72 33.05 5.20 -4.18
CA ILE B 72 33.76 4.30 -3.29
C ILE B 72 33.36 2.86 -3.59
N TRP B 73 32.06 2.64 -3.79
CA TRP B 73 31.56 1.32 -4.14
C TRP B 73 32.11 0.83 -5.47
N LYS B 74 32.15 1.72 -6.48
CA LYS B 74 32.70 1.33 -7.77
C LYS B 74 34.16 0.93 -7.66
N ALA B 75 34.90 1.51 -6.72
CA ALA B 75 36.31 1.18 -6.53
C ALA B 75 36.51 -0.12 -5.77
N GLY B 76 35.43 -0.79 -5.38
CA GLY B 76 35.53 -2.01 -4.62
C GLY B 76 35.68 -1.80 -3.13
N ALA B 77 35.51 -0.58 -2.66
CA ALA B 77 35.75 -0.22 -1.27
C ALA B 77 34.43 -0.01 -0.53
N ALA B 78 34.54 0.14 0.78
CA ALA B 78 33.41 0.40 1.67
C ALA B 78 33.51 1.82 2.20
N TYR B 79 32.38 2.50 2.32
CA TYR B 79 32.40 3.86 2.86
C TYR B 79 32.12 3.86 4.36
N VAL B 80 32.79 4.77 5.05
CA VAL B 80 32.62 4.97 6.49
C VAL B 80 32.07 6.38 6.68
N PRO B 81 30.75 6.52 6.83
CA PRO B 81 30.15 7.86 6.80
C PRO B 81 30.38 8.56 8.13
N VAL B 82 30.85 9.80 8.07
CA VAL B 82 31.09 10.62 9.25
C VAL B 82 30.31 11.91 9.08
N ASP B 83 29.47 12.23 10.06
CA ASP B 83 28.69 13.45 10.01
C ASP B 83 29.57 14.64 10.36
N ALA B 84 29.55 15.67 9.52
CA ALA B 84 30.42 16.82 9.73
C ALA B 84 30.10 17.54 11.02
N GLY B 85 28.95 17.25 11.62
CA GLY B 85 28.60 17.85 12.89
C GLY B 85 29.09 17.11 14.12
N TYR B 86 29.81 15.98 13.95
CA TYR B 86 30.40 15.27 15.09
C TYR B 86 31.62 16.03 15.61
N PRO B 87 31.86 16.00 16.92
CA PRO B 87 33.08 16.60 17.46
C PRO B 87 34.32 15.89 16.96
N ALA B 88 35.44 16.61 16.98
CA ALA B 88 36.68 16.06 16.43
C ALA B 88 37.09 14.75 17.08
N PRO B 89 36.99 14.58 18.40
CA PRO B 89 37.41 13.29 18.99
C PRO B 89 36.56 12.11 18.52
N ARG B 90 35.27 12.34 18.29
CA ARG B 90 34.43 11.27 17.76
C ARG B 90 34.82 10.93 16.33
N VAL B 91 35.04 11.95 15.51
CA VAL B 91 35.50 11.74 14.14
C VAL B 91 36.80 10.96 14.13
N ALA B 92 37.77 11.38 14.93
CA ALA B 92 39.06 10.71 14.93
C ALA B 92 38.91 9.26 15.38
N PHE B 93 38.09 9.01 16.39
CA PHE B 93 37.90 7.64 16.84
C PHE B 93 37.30 6.76 15.76
N MET B 94 36.27 7.25 15.06
CA MET B 94 35.61 6.43 14.05
C MET B 94 36.55 6.09 12.91
N VAL B 95 37.37 7.06 12.48
CA VAL B 95 38.32 6.78 11.41
C VAL B 95 39.31 5.71 11.85
N ALA B 96 39.87 5.87 13.05
CA ALA B 96 40.87 4.93 13.52
C ALA B 96 40.27 3.55 13.81
N ASP B 97 39.08 3.51 14.42
CA ASP B 97 38.46 2.23 14.73
C ASP B 97 38.09 1.47 13.46
N SER B 98 37.57 2.20 12.46
CA SER B 98 37.11 1.57 11.23
C SER B 98 38.26 1.15 10.33
N GLY B 99 39.48 1.64 10.57
CA GLY B 99 40.53 1.26 9.65
C GLY B 99 40.52 2.04 8.36
N ALA B 100 39.74 3.11 8.29
CA ALA B 100 39.71 3.93 7.09
C ALA B 100 41.09 4.50 6.82
N SER B 101 41.49 4.47 5.55
CA SER B 101 42.83 4.89 5.18
C SER B 101 42.84 6.24 4.47
N ARG B 102 41.68 6.72 4.04
CA ARG B 102 41.56 7.95 3.27
C ARG B 102 40.19 8.52 3.59
N MET B 103 40.05 9.84 3.47
CA MET B 103 38.79 10.51 3.76
C MET B 103 38.48 11.45 2.62
N VAL B 104 37.31 11.28 2.01
CA VAL B 104 36.83 12.23 1.01
C VAL B 104 36.16 13.39 1.72
N CYS B 105 36.52 14.61 1.33
CA CYS B 105 35.98 15.80 1.96
C CYS B 105 35.76 16.84 0.87
N SER B 106 35.35 18.04 1.30
CA SER B 106 35.14 19.17 0.42
C SER B 106 35.88 20.36 1.01
N ALA B 107 35.93 21.45 0.23
CA ALA B 107 36.57 22.66 0.75
C ALA B 107 35.93 23.09 2.07
N ALA B 108 34.61 22.92 2.20
CA ALA B 108 33.89 23.36 3.39
C ALA B 108 34.19 22.51 4.62
N THR B 109 34.48 21.22 4.44
CA THR B 109 34.70 20.32 5.57
C THR B 109 36.18 19.94 5.74
N ARG B 110 37.07 20.47 4.90
CA ARG B 110 38.45 20.04 4.88
C ARG B 110 39.09 20.05 6.26
N ASP B 111 38.80 21.07 7.08
CA ASP B 111 39.49 21.18 8.37
C ASP B 111 39.04 20.12 9.36
N GLY B 112 38.01 19.35 9.02
CA GLY B 112 37.57 18.27 9.87
C GLY B 112 38.27 16.95 9.67
N VAL B 113 39.14 16.85 8.67
CA VAL B 113 39.87 15.61 8.44
C VAL B 113 40.99 15.46 9.49
N PRO B 114 41.06 14.35 10.21
CA PRO B 114 42.10 14.21 11.25
C PRO B 114 43.49 14.31 10.63
N GLU B 115 44.40 14.95 11.35
CA GLU B 115 45.81 14.97 10.93
C GLU B 115 46.33 13.54 10.84
N GLY B 116 47.06 13.26 9.75
CA GLY B 116 47.59 11.94 9.52
C GLY B 116 46.76 11.05 8.64
N ILE B 117 45.56 11.48 8.27
CA ILE B 117 44.66 10.75 7.40
C ILE B 117 44.57 11.53 6.09
N GLU B 118 44.71 10.84 4.97
CA GLU B 118 44.68 11.53 3.68
C GLU B 118 43.35 12.23 3.48
N ALA B 119 43.41 13.51 3.12
CA ALA B 119 42.25 14.24 2.66
C ALA B 119 42.18 14.22 1.13
N ILE B 120 41.04 13.78 0.62
CA ILE B 120 40.74 13.76 -0.81
C ILE B 120 39.61 14.77 -1.05
N VAL B 121 39.93 15.89 -1.69
CA VAL B 121 38.93 16.92 -1.93
C VAL B 121 38.11 16.52 -3.15
N VAL B 122 36.79 16.41 -2.97
CA VAL B 122 35.95 15.76 -3.96
C VAL B 122 35.98 16.55 -5.27
N THR B 123 36.17 17.85 -5.20
CA THR B 123 36.16 18.68 -6.40
C THR B 123 37.52 18.82 -7.08
N ASP B 124 38.60 18.28 -6.51
CA ASP B 124 39.90 18.41 -7.17
C ASP B 124 39.96 17.52 -8.40
N GLU B 125 40.63 18.01 -9.45
CA GLU B 125 40.92 17.25 -10.65
C GLU B 125 42.27 16.54 -10.59
N GLU B 126 42.35 15.36 -11.21
CA GLU B 126 43.59 14.60 -11.27
C GLU B 126 43.72 13.88 -12.61
N ALA B 127 44.95 13.44 -12.90
CA ALA B 127 45.25 12.85 -14.19
C ALA B 127 44.78 11.41 -14.33
N PHE B 128 44.26 10.80 -13.27
CA PHE B 128 43.82 9.41 -13.36
C PHE B 128 42.60 9.31 -14.27
N GLU B 129 42.48 8.16 -14.95
CA GLU B 129 41.38 7.87 -15.85
C GLU B 129 40.23 7.22 -15.09
N ALA B 130 39.00 7.38 -15.61
CA ALA B 130 37.86 6.80 -14.92
C ALA B 130 37.84 5.29 -15.12
N SER B 131 37.56 4.55 -14.05
CA SER B 131 37.52 3.08 -14.11
C SER B 131 36.78 2.58 -12.86
N ALA B 132 36.29 1.33 -12.92
CA ALA B 132 35.67 0.72 -11.74
C ALA B 132 36.14 -0.71 -11.55
N ALA B 133 36.40 -1.09 -10.29
CA ALA B 133 36.72 -2.47 -9.96
C ALA B 133 35.51 -3.34 -9.70
N GLY B 134 34.40 -2.80 -9.22
CA GLY B 134 33.22 -3.63 -9.04
C GLY B 134 33.25 -4.15 -7.62
N ALA B 135 32.19 -4.84 -7.24
CA ALA B 135 32.18 -5.48 -5.94
C ALA B 135 31.15 -6.59 -5.99
N ARG B 136 31.36 -7.55 -5.18
CA ARG B 136 30.62 -8.77 -4.97
C ARG B 136 29.69 -8.68 -3.77
N PRO B 137 28.55 -9.36 -3.82
CA PRO B 137 27.49 -9.09 -2.84
C PRO B 137 28.07 -9.32 -1.45
N GLY B 138 29.04 -10.23 -1.33
CA GLY B 138 29.66 -10.50 -0.05
C GLY B 138 30.70 -9.49 0.41
N ASP B 139 31.16 -8.59 -0.47
CA ASP B 139 32.12 -7.58 -0.07
C ASP B 139 31.47 -6.55 0.86
N LEU B 140 32.28 -5.94 1.73
CA LEU B 140 31.80 -4.87 2.60
C LEU B 140 31.32 -3.66 1.81
N ALA B 141 30.12 -3.17 2.17
CA ALA B 141 29.58 -1.94 1.58
C ALA B 141 29.79 -0.70 2.43
N TYR B 142 29.60 -0.79 3.75
CA TYR B 142 29.83 0.38 4.61
C TYR B 142 30.03 -0.11 6.04
N VAL B 143 30.56 0.80 6.86
CA VAL B 143 30.64 0.62 8.31
C VAL B 143 29.90 1.78 8.96
N MET B 144 28.79 1.50 9.63
CA MET B 144 28.04 2.52 10.34
C MET B 144 28.15 2.29 11.84
N TYR B 145 28.27 3.38 12.60
CA TYR B 145 28.51 3.32 14.04
C TYR B 145 27.20 3.49 14.79
N THR B 146 27.04 2.71 15.85
CA THR B 146 25.92 2.91 16.75
C THR B 146 26.00 4.31 17.37
N SER B 147 24.91 4.70 18.03
CA SER B 147 24.80 6.09 18.48
C SER B 147 25.79 6.43 19.57
N GLY B 148 26.23 5.44 20.35
CA GLY B 148 27.14 5.70 21.45
C GLY B 148 26.50 6.31 22.66
N SER B 149 25.17 6.25 22.79
CA SER B 149 24.49 6.84 23.93
C SER B 149 24.63 6.01 25.18
N THR B 150 24.85 4.70 25.05
CA THR B 150 24.97 3.79 26.19
C THR B 150 26.38 3.19 26.29
N GLY B 151 27.37 3.89 25.79
CA GLY B 151 28.71 3.34 25.69
C GLY B 151 29.39 3.80 24.42
N ILE B 152 30.57 3.25 24.18
CA ILE B 152 31.39 3.63 23.03
C ILE B 152 30.69 3.20 21.74
N PRO B 153 30.74 3.99 20.68
CA PRO B 153 30.15 3.56 19.40
C PRO B 153 30.84 2.31 18.85
N LYS B 154 30.05 1.38 18.34
CA LYS B 154 30.56 0.18 17.70
C LYS B 154 30.38 0.27 16.19
N GLY B 155 31.36 -0.23 15.44
CA GLY B 155 31.24 -0.21 13.99
C GLY B 155 30.56 -1.44 13.45
N VAL B 156 29.44 -1.25 12.76
CA VAL B 156 28.64 -2.33 12.20
C VAL B 156 29.02 -2.48 10.73
N ALA B 157 29.57 -3.64 10.38
CA ALA B 157 30.05 -3.91 9.02
C ALA B 157 28.96 -4.61 8.22
N VAL B 158 28.51 -3.98 7.15
CA VAL B 158 27.36 -4.44 6.39
C VAL B 158 27.78 -4.79 4.97
N PRO B 159 27.49 -5.99 4.48
CA PRO B 159 27.88 -6.34 3.11
C PRO B 159 26.92 -5.81 2.08
N HIS B 160 27.42 -5.73 0.84
CA HIS B 160 26.62 -5.26 -0.28
C HIS B 160 25.32 -6.04 -0.41
N ARG B 161 25.37 -7.36 -0.21
CA ARG B 161 24.17 -8.17 -0.34
C ARG B 161 23.04 -7.64 0.54
N SER B 162 23.38 -7.26 1.77
CA SER B 162 22.35 -6.80 2.69
C SER B 162 21.82 -5.43 2.29
N VAL B 163 22.68 -4.54 1.79
CA VAL B 163 22.19 -3.22 1.38
C VAL B 163 21.26 -3.35 0.19
N ALA B 164 21.56 -4.29 -0.71
CA ALA B 164 20.74 -4.46 -1.91
C ALA B 164 19.43 -5.16 -1.57
N GLU B 165 19.45 -6.07 -0.60
CA GLU B 165 18.22 -6.70 -0.14
C GLU B 165 17.27 -5.64 0.42
N LEU B 166 17.80 -4.66 1.15
CA LEU B 166 16.98 -3.56 1.66
C LEU B 166 16.54 -2.62 0.54
N ALA B 167 17.50 -2.08 -0.22
CA ALA B 167 17.17 -1.00 -1.14
C ALA B 167 16.29 -1.48 -2.29
N GLY B 168 16.53 -2.69 -2.78
CA GLY B 168 15.77 -3.23 -3.89
C GLY B 168 14.51 -3.94 -3.50
N ASN B 169 14.15 -3.92 -2.22
CA ASN B 169 12.97 -4.65 -1.78
C ASN B 169 11.73 -4.14 -2.50
N PRO B 170 10.93 -5.00 -3.11
CA PRO B 170 9.75 -4.53 -3.84
C PRO B 170 8.72 -3.84 -2.95
N GLY B 171 8.74 -4.11 -1.64
CA GLY B 171 7.77 -3.51 -0.73
C GLY B 171 7.83 -1.99 -0.65
N TRP B 172 8.96 -1.38 -1.00
CA TRP B 172 9.04 0.06 -0.88
C TRP B 172 8.08 0.77 -1.83
N ALA B 173 7.76 0.13 -2.96
CA ALA B 173 6.77 0.67 -3.89
C ALA B 173 7.18 2.05 -4.42
N VAL B 174 8.48 2.29 -4.53
CA VAL B 174 8.98 3.54 -5.10
C VAL B 174 9.15 3.36 -6.60
N GLU B 175 8.69 4.36 -7.35
CA GLU B 175 8.63 4.29 -8.80
C GLU B 175 9.43 5.41 -9.45
N PRO B 176 9.66 5.35 -10.77
CA PRO B 176 10.45 6.40 -11.42
C PRO B 176 9.87 7.80 -11.23
N GLY B 177 8.56 7.92 -11.07
CA GLY B 177 7.93 9.21 -10.83
C GLY B 177 8.06 9.76 -9.42
N ASP B 178 8.69 9.01 -8.52
CA ASP B 178 8.84 9.43 -7.13
C ASP B 178 10.02 10.38 -6.97
N ALA B 179 9.89 11.29 -5.99
CA ALA B 179 10.97 12.19 -5.59
C ALA B 179 11.05 12.11 -4.08
N VAL B 180 12.18 11.65 -3.56
CA VAL B 180 12.34 11.39 -2.13
C VAL B 180 13.20 12.49 -1.52
N LEU B 181 12.74 13.05 -0.40
CA LEU B 181 13.50 14.08 0.29
C LEU B 181 14.67 13.45 1.04
N MET B 182 15.86 14.06 0.88
CA MET B 182 17.09 13.60 1.52
C MET B 182 17.49 14.64 2.56
N HIS B 183 17.47 14.24 3.83
CA HIS B 183 17.88 15.14 4.91
C HIS B 183 18.49 14.43 6.11
N ALA B 184 18.28 13.13 6.24
CA ALA B 184 18.91 12.34 7.30
C ALA B 184 20.43 12.37 7.15
N PRO B 185 21.17 12.30 8.26
CA PRO B 185 22.63 12.14 8.14
C PRO B 185 22.93 10.88 7.33
N TYR B 186 23.87 10.95 6.40
CA TYR B 186 24.26 9.75 5.66
C TYR B 186 24.99 8.78 6.59
N ALA B 187 25.35 9.23 7.77
CA ALA B 187 25.88 8.37 8.81
C ALA B 187 24.78 7.40 9.26
N PHE B 188 23.56 7.85 9.28
CA PHE B 188 22.39 7.04 9.66
C PHE B 188 21.73 6.06 8.66
N ASP B 189 21.00 5.08 9.19
CA ASP B 189 20.33 4.05 8.39
C ASP B 189 19.29 4.60 7.43
N ALA B 190 18.59 5.62 7.84
CA ALA B 190 17.50 6.21 7.06
C ALA B 190 18.01 6.69 5.71
N SER B 191 19.29 6.99 5.64
CA SER B 191 19.91 7.45 4.40
C SER B 191 19.72 6.38 3.31
N LEU B 192 19.72 5.11 3.67
CA LEU B 192 19.57 4.08 2.67
C LEU B 192 18.25 4.22 1.94
N PHE B 193 17.18 4.50 2.66
CA PHE B 193 15.92 4.79 1.99
C PHE B 193 15.93 6.07 1.19
N GLU B 194 16.50 7.11 1.76
CA GLU B 194 16.52 8.41 1.13
C GLU B 194 17.33 8.48 -0.15
N ILE B 195 18.44 7.79 -0.14
CA ILE B 195 19.30 7.79 -1.28
C ILE B 195 19.20 6.56 -2.18
N TRP B 196 19.36 5.35 -1.63
CA TRP B 196 19.51 4.21 -2.52
C TRP B 196 18.16 3.69 -3.02
N VAL B 197 17.10 3.72 -2.18
CA VAL B 197 15.81 3.22 -2.64
C VAL B 197 15.32 3.97 -3.87
N PRO B 198 15.31 5.29 -3.91
CA PRO B 198 14.84 5.94 -5.16
C PRO B 198 15.76 5.68 -6.33
N LEU B 199 17.07 5.59 -6.11
CA LEU B 199 17.98 5.42 -7.23
C LEU B 199 17.92 4.02 -7.84
N VAL B 200 17.67 3.00 -7.02
CA VAL B 200 17.53 1.66 -7.60
C VAL B 200 16.17 1.50 -8.23
N SER B 201 15.26 2.46 -8.00
CA SER B 201 13.90 2.44 -8.52
C SER B 201 13.70 3.33 -9.74
N GLY B 202 14.69 4.14 -10.11
CA GLY B 202 14.54 5.07 -11.20
C GLY B 202 13.98 6.43 -10.83
N GLY B 203 13.72 6.67 -9.54
CA GLY B 203 13.25 7.95 -9.08
C GLY B 203 14.39 8.92 -8.83
N ARG B 204 14.09 9.98 -8.08
CA ARG B 204 15.07 11.02 -7.85
C ARG B 204 15.20 11.34 -6.36
N VAL B 205 16.40 11.80 -6.02
CA VAL B 205 16.78 12.21 -4.68
C VAL B 205 16.76 13.73 -4.64
N VAL B 206 16.00 14.31 -3.72
CA VAL B 206 15.92 15.77 -3.59
C VAL B 206 16.66 16.14 -2.32
N ILE B 207 17.82 16.77 -2.49
CA ILE B 207 18.65 17.18 -1.36
C ILE B 207 17.96 18.35 -0.65
N ALA B 208 17.67 18.18 0.64
CA ALA B 208 17.03 19.26 1.38
C ALA B 208 17.98 20.43 1.60
N GLU B 209 17.43 21.65 1.56
CA GLU B 209 18.19 22.85 1.84
C GLU B 209 18.86 22.74 3.21
N PRO B 210 19.95 23.46 3.44
CA PRO B 210 20.66 23.30 4.73
C PRO B 210 19.75 23.66 5.90
N GLY B 211 19.98 22.98 7.03
CA GLY B 211 19.23 23.20 8.24
C GLY B 211 18.20 22.10 8.45
N PRO B 212 17.59 22.07 9.64
CA PRO B 212 16.61 21.01 9.92
C PRO B 212 15.37 21.16 9.07
N VAL B 213 14.77 20.04 8.70
CA VAL B 213 13.50 20.04 7.98
C VAL B 213 12.38 20.16 9.01
N ASP B 214 11.75 21.31 9.07
CA ASP B 214 10.59 21.55 9.91
C ASP B 214 9.33 21.50 9.05
N ALA B 215 8.17 21.78 9.67
CA ALA B 215 6.92 21.62 8.94
C ALA B 215 6.84 22.57 7.75
N ARG B 216 7.33 23.80 7.92
CA ARG B 216 7.30 24.75 6.82
CA ARG B 216 7.30 24.75 6.82
C ARG B 216 8.15 24.27 5.64
N ARG B 217 9.35 23.76 5.93
CA ARG B 217 10.22 23.28 4.85
C ARG B 217 9.66 22.02 4.21
N LEU B 218 9.03 21.14 4.99
CA LEU B 218 8.38 19.98 4.39
C LEU B 218 7.27 20.42 3.43
N ARG B 219 6.43 21.37 3.84
CA ARG B 219 5.38 21.85 2.95
C ARG B 219 5.99 22.41 1.66
N GLU B 220 7.07 23.19 1.78
CA GLU B 220 7.72 23.74 0.60
C GLU B 220 8.27 22.62 -0.29
N ALA B 221 8.87 21.59 0.32
CA ALA B 221 9.39 20.48 -0.45
C ALA B 221 8.28 19.78 -1.21
N ILE B 222 7.13 19.56 -0.55
CA ILE B 222 6.02 18.89 -1.21
C ILE B 222 5.51 19.76 -2.35
N SER B 223 5.44 21.07 -2.14
CA SER B 223 5.02 21.97 -3.21
C SER B 223 5.94 21.86 -4.41
N SER B 224 7.22 21.61 -4.17
CA SER B 224 8.20 21.54 -5.24
C SER B 224 8.25 20.18 -5.91
N GLY B 225 7.49 19.19 -5.43
CA GLY B 225 7.39 17.91 -6.11
C GLY B 225 7.78 16.70 -5.29
N VAL B 226 8.23 16.84 -4.04
CA VAL B 226 8.58 15.67 -3.25
C VAL B 226 7.34 14.84 -2.98
N THR B 227 7.47 13.52 -3.16
CA THR B 227 6.36 12.60 -2.98
C THR B 227 6.50 11.69 -1.77
N ARG B 228 7.72 11.49 -1.26
CA ARG B 228 7.92 10.61 -0.12
C ARG B 228 8.96 11.22 0.81
N ALA B 229 8.73 11.10 2.11
CA ALA B 229 9.68 11.62 3.08
C ALA B 229 9.67 10.78 4.36
N HIS B 230 10.86 10.59 4.92
CA HIS B 230 11.05 9.94 6.21
C HIS B 230 11.37 10.99 7.25
N LEU B 231 10.74 10.88 8.41
CA LEU B 231 11.03 11.73 9.56
C LEU B 231 11.39 10.85 10.75
N THR B 232 12.35 11.30 11.55
CA THR B 232 12.58 10.64 12.83
C THR B 232 11.30 10.64 13.66
N ALA B 233 11.23 9.69 14.60
CA ALA B 233 10.06 9.60 15.47
C ALA B 233 9.80 10.92 16.17
N GLY B 234 10.86 11.58 16.65
CA GLY B 234 10.69 12.84 17.36
C GLY B 234 10.16 13.96 16.48
N SER B 235 10.67 14.06 15.25
CA SER B 235 10.15 15.08 14.35
C SER B 235 8.73 14.74 13.92
N PHE B 236 8.44 13.47 13.69
CA PHE B 236 7.09 13.08 13.27
C PHE B 236 6.07 13.41 14.34
N ARG B 237 6.39 13.07 15.59
CA ARG B 237 5.45 13.36 16.68
C ARG B 237 5.22 14.85 16.79
N ALA B 238 6.27 15.66 16.65
CA ALA B 238 6.12 17.09 16.76
C ALA B 238 5.23 17.64 15.65
N VAL B 239 5.50 17.27 14.41
CA VAL B 239 4.66 17.77 13.32
C VAL B 239 3.24 17.21 13.44
N ALA B 240 3.12 15.93 13.84
CA ALA B 240 1.79 15.34 13.96
C ALA B 240 0.93 16.07 14.98
N GLU B 241 1.55 16.56 16.05
CA GLU B 241 0.77 17.25 17.08
C GLU B 241 0.56 18.72 16.74
N GLU B 242 1.53 19.36 16.09
CA GLU B 242 1.45 20.80 15.86
C GLU B 242 0.84 21.15 14.51
N SER B 243 1.06 20.33 13.49
CA SER B 243 0.74 20.74 12.13
C SER B 243 0.55 19.51 11.24
N PRO B 244 -0.36 18.61 11.60
CA PRO B 244 -0.52 17.36 10.83
C PRO B 244 -0.90 17.59 9.37
N GLU B 245 -1.56 18.69 9.04
CA GLU B 245 -1.91 19.00 7.65
C GLU B 245 -0.67 19.20 6.77
N SER B 246 0.50 19.42 7.37
CA SER B 246 1.69 19.67 6.57
C SER B 246 2.15 18.46 5.77
N PHE B 247 1.66 17.25 6.10
CA PHE B 247 2.01 16.08 5.30
C PHE B 247 1.16 15.96 4.04
N ALA B 248 0.15 16.81 3.89
CA ALA B 248 -0.79 16.70 2.79
C ALA B 248 -0.06 16.84 1.46
N GLY B 249 -0.36 15.94 0.52
CA GLY B 249 0.27 15.94 -0.79
C GLY B 249 1.33 14.90 -0.95
N LEU B 250 1.87 14.37 0.16
CA LEU B 250 2.77 13.25 0.09
C LEU B 250 2.03 11.99 -0.33
N ARG B 251 2.68 11.16 -1.13
CA ARG B 251 2.18 9.80 -1.34
C ARG B 251 2.38 8.95 -0.10
N GLU B 252 3.48 9.17 0.62
CA GLU B 252 3.82 8.36 1.78
C GLU B 252 4.74 9.13 2.70
N VAL B 253 4.46 9.06 4.00
CA VAL B 253 5.37 9.50 5.05
C VAL B 253 5.82 8.28 5.83
N LEU B 254 7.11 8.23 6.18
CA LEU B 254 7.70 7.09 6.87
C LEU B 254 8.30 7.63 8.16
N THR B 255 8.26 6.83 9.22
CA THR B 255 8.84 7.24 10.48
C THR B 255 9.24 6.00 11.27
N GLY B 256 10.19 6.18 12.18
CA GLY B 256 10.61 5.10 13.05
C GLY B 256 11.78 5.53 13.91
N GLY B 257 12.32 4.54 14.63
CA GLY B 257 13.35 4.79 15.61
C GLY B 257 12.87 4.69 17.04
N ASP B 258 12.55 5.84 17.62
CA ASP B 258 12.03 5.90 18.98
C ASP B 258 10.53 5.60 18.92
N VAL B 259 9.86 5.64 20.06
CA VAL B 259 8.45 5.32 20.10
C VAL B 259 7.63 6.35 19.32
N VAL B 260 6.68 5.85 18.53
CA VAL B 260 5.70 6.69 17.85
C VAL B 260 4.36 6.31 18.47
N PRO B 261 3.66 7.21 19.14
CA PRO B 261 2.36 6.83 19.70
C PRO B 261 1.33 6.74 18.59
N ALA B 262 0.39 5.80 18.75
CA ALA B 262 -0.70 5.68 17.78
C ALA B 262 -1.42 7.01 17.60
N HIS B 263 -1.52 7.81 18.66
CA HIS B 263 -2.25 9.07 18.57
C HIS B 263 -1.65 9.98 17.52
N ALA B 264 -0.31 9.97 17.38
CA ALA B 264 0.31 10.82 16.38
C ALA B 264 -0.06 10.38 14.98
N VAL B 265 -0.07 9.06 14.74
CA VAL B 265 -0.49 8.54 13.44
C VAL B 265 -1.94 8.93 13.17
N ALA B 266 -2.80 8.83 14.20
CA ALA B 266 -4.22 9.13 14.04
C ALA B 266 -4.42 10.59 13.65
N ARG B 267 -3.65 11.50 14.27
CA ARG B 267 -3.74 12.91 13.92
C ARG B 267 -3.36 13.14 12.47
N VAL B 268 -2.32 12.47 11.98
CA VAL B 268 -1.93 12.67 10.58
C VAL B 268 -3.00 12.12 9.65
N ARG B 269 -3.55 10.94 9.98
CA ARG B 269 -4.59 10.35 9.16
C ARG B 269 -5.85 11.23 9.13
N SER B 270 -6.20 11.80 10.28
CA SER B 270 -7.35 12.68 10.33
CA SER B 270 -7.36 12.68 10.33
C SER B 270 -7.19 13.86 9.39
N ALA B 271 -6.03 14.52 9.44
CA ALA B 271 -5.78 15.70 8.62
C ALA B 271 -5.45 15.37 7.17
N CYS B 272 -4.93 14.18 6.90
CA CYS B 272 -4.40 13.81 5.58
C CYS B 272 -4.95 12.44 5.21
N PRO B 273 -6.21 12.38 4.75
CA PRO B 273 -6.81 11.06 4.48
C PRO B 273 -6.09 10.25 3.41
N ARG B 274 -5.38 10.88 2.49
CA ARG B 274 -4.85 10.15 1.33
C ARG B 274 -3.40 9.70 1.48
N VAL B 275 -2.67 10.14 2.50
CA VAL B 275 -1.25 9.82 2.59
C VAL B 275 -1.07 8.45 3.23
N ARG B 276 -0.23 7.62 2.59
CA ARG B 276 0.21 6.38 3.21
C ARG B 276 1.11 6.70 4.40
N ILE B 277 0.98 5.94 5.48
CA ILE B 277 1.81 6.14 6.66
C ILE B 277 2.50 4.81 6.96
N ARG B 278 3.83 4.82 6.94
CA ARG B 278 4.62 3.60 7.16
C ARG B 278 5.47 3.76 8.41
N HIS B 279 5.33 2.81 9.33
CA HIS B 279 6.13 2.73 10.53
C HIS B 279 7.23 1.69 10.32
N LEU B 280 8.48 2.08 10.58
CA LEU B 280 9.62 1.21 10.38
C LEU B 280 10.23 0.81 11.71
N TYR B 281 10.68 -0.43 11.79
CA TYR B 281 11.38 -0.93 12.98
C TYR B 281 12.59 -1.76 12.60
N GLY B 282 13.71 -1.50 13.28
CA GLY B 282 14.86 -2.38 13.24
C GLY B 282 16.16 -1.67 13.59
N PRO B 283 17.17 -2.43 13.99
CA PRO B 283 18.46 -1.86 14.37
C PRO B 283 19.42 -1.74 13.19
N THR B 284 20.51 -0.99 13.42
CA THR B 284 21.54 -0.84 12.40
C THR B 284 22.11 -2.20 11.99
N GLU B 285 22.16 -3.14 12.94
CA GLU B 285 22.68 -4.47 12.70
C GLU B 285 21.87 -5.26 11.68
N THR B 286 20.65 -4.84 11.34
CA THR B 286 19.90 -5.52 10.30
C THR B 286 19.42 -4.57 9.20
N THR B 287 20.21 -3.53 8.93
CA THR B 287 20.08 -2.68 7.74
C THR B 287 18.73 -1.98 7.67
N LEU B 288 18.65 -0.85 8.38
CA LEU B 288 17.55 0.09 8.41
C LEU B 288 16.29 -0.44 9.09
N CYS B 289 15.61 -1.42 8.49
CA CYS B 289 14.40 -1.93 9.11
C CYS B 289 14.21 -3.39 8.74
N ALA B 290 13.65 -4.14 9.68
CA ALA B 290 13.35 -5.56 9.52
C ALA B 290 11.85 -5.84 9.47
N THR B 291 11.05 -4.98 10.10
CA THR B 291 9.60 -5.07 10.08
C THR B 291 9.04 -3.69 9.79
N TRP B 292 7.80 -3.67 9.29
CA TRP B 292 7.16 -2.39 9.04
C TRP B 292 5.64 -2.58 9.12
N HIS B 293 4.96 -1.48 9.39
CA HIS B 293 3.50 -1.42 9.45
C HIS B 293 3.02 -0.29 8.57
N LEU B 294 2.12 -0.61 7.65
CA LEU B 294 1.62 0.35 6.67
C LEU B 294 0.15 0.63 6.92
N LEU B 295 -0.18 1.91 7.04
CA LEU B 295 -1.56 2.35 7.17
C LEU B 295 -1.98 2.90 5.81
N GLU B 296 -2.92 2.22 5.15
CA GLU B 296 -3.33 2.60 3.82
C GLU B 296 -4.17 3.87 3.89
N PRO B 297 -4.27 4.60 2.78
CA PRO B 297 -5.11 5.80 2.76
C PRO B 297 -6.53 5.51 3.22
N GLY B 298 -7.06 6.37 4.09
CA GLY B 298 -8.42 6.21 4.57
C GLY B 298 -8.58 5.29 5.74
N ASP B 299 -7.61 4.43 6.01
CA ASP B 299 -7.70 3.48 7.11
C ASP B 299 -7.27 4.18 8.39
N GLU B 300 -7.86 3.75 9.50
CA GLU B 300 -7.59 4.31 10.82
C GLU B 300 -6.73 3.36 11.62
N ILE B 301 -5.81 3.92 12.37
CA ILE B 301 -4.94 3.14 13.23
C ILE B 301 -5.73 2.76 14.48
N GLY B 302 -5.42 1.59 15.02
CA GLY B 302 -6.04 1.14 16.23
C GLY B 302 -5.53 1.90 17.43
N PRO B 303 -5.78 1.39 18.62
CA PRO B 303 -5.19 1.99 19.83
C PRO B 303 -3.71 1.74 19.96
N VAL B 304 -3.15 0.76 19.26
CA VAL B 304 -1.72 0.48 19.29
C VAL B 304 -1.15 0.50 17.88
N LEU B 305 0.06 1.05 17.75
CA LEU B 305 0.78 1.04 16.49
C LEU B 305 1.71 -0.16 16.48
N PRO B 306 1.46 -1.17 15.65
CA PRO B 306 2.38 -2.32 15.62
C PRO B 306 3.75 -1.91 15.09
N ILE B 307 4.77 -2.67 15.47
CA ILE B 307 6.01 -2.60 14.70
C ILE B 307 5.88 -3.38 13.41
N GLY B 308 4.84 -4.19 13.30
CA GLY B 308 4.37 -4.67 12.02
C GLY B 308 4.83 -6.05 11.64
N ARG B 309 5.03 -6.26 10.34
CA ARG B 309 5.34 -7.58 9.81
C ARG B 309 6.72 -7.55 9.16
N PRO B 310 7.43 -8.68 9.13
CA PRO B 310 8.75 -8.69 8.50
C PRO B 310 8.65 -8.22 7.06
N LEU B 311 9.64 -7.45 6.61
CA LEU B 311 9.76 -7.13 5.20
C LEU B 311 9.84 -8.40 4.36
N PRO B 312 9.40 -8.36 3.10
CA PRO B 312 9.66 -9.48 2.20
C PRO B 312 11.12 -9.91 2.28
N GLY B 313 11.35 -11.22 2.47
CA GLY B 313 12.69 -11.76 2.56
C GLY B 313 13.27 -11.85 3.95
N ARG B 314 12.58 -11.31 4.95
CA ARG B 314 13.03 -11.36 6.34
C ARG B 314 12.11 -12.24 7.18
N ARG B 315 12.63 -12.66 8.33
CA ARG B 315 11.83 -13.42 9.27
C ARG B 315 12.07 -12.85 10.65
N ALA B 316 11.06 -13.00 11.51
CA ALA B 316 11.16 -12.65 12.91
C ALA B 316 10.70 -13.82 13.74
N GLN B 317 11.33 -13.99 14.89
CA GLN B 317 10.94 -15.02 15.84
C GLN B 317 10.80 -14.39 17.22
N VAL B 318 9.79 -14.83 17.95
CA VAL B 318 9.58 -14.44 19.34
C VAL B 318 9.73 -15.70 20.18
N LEU B 319 10.80 -15.77 20.97
CA LEU B 319 11.16 -16.98 21.70
C LEU B 319 11.15 -16.71 23.20
N ASP B 320 10.82 -17.74 23.98
CA ASP B 320 10.89 -17.65 25.43
C ASP B 320 12.31 -17.96 25.91
N ALA B 321 12.48 -18.04 27.23
CA ALA B 321 13.83 -18.13 27.80
C ALA B 321 14.46 -19.50 27.57
N SER B 322 13.71 -20.49 27.10
CA SER B 322 14.29 -21.75 26.67
C SER B 322 14.33 -21.87 25.15
N LEU B 323 14.17 -20.75 24.46
CA LEU B 323 14.30 -20.60 23.01
C LEU B 323 13.22 -21.35 22.23
N ARG B 324 12.06 -21.58 22.84
CA ARG B 324 10.90 -22.13 22.16
C ARG B 324 10.00 -21.00 21.68
N ALA B 325 9.45 -21.15 20.48
CA ALA B 325 8.54 -20.16 19.95
C ALA B 325 7.27 -20.11 20.79
N VAL B 326 6.80 -18.89 21.08
CA VAL B 326 5.62 -18.66 21.90
C VAL B 326 4.41 -18.48 21.00
N ALA B 327 3.22 -18.68 21.57
CA ALA B 327 1.98 -18.49 20.84
C ALA B 327 1.64 -17.01 20.79
N PRO B 328 0.66 -16.63 19.96
CA PRO B 328 0.24 -15.22 19.92
C PRO B 328 -0.20 -14.71 21.29
N GLY B 329 -0.04 -13.41 21.51
CA GLY B 329 -0.39 -12.81 22.77
C GLY B 329 0.55 -13.08 23.93
N VAL B 330 1.70 -13.70 23.68
CA VAL B 330 2.69 -14.01 24.70
C VAL B 330 3.97 -13.21 24.42
N ILE B 331 4.42 -12.44 25.40
CA ILE B 331 5.63 -11.63 25.26
C ILE B 331 6.87 -12.51 25.37
N GLY B 332 7.83 -12.29 24.47
CA GLY B 332 9.12 -12.96 24.50
C GLY B 332 10.18 -12.12 23.83
N ASP B 333 11.36 -12.73 23.67
CA ASP B 333 12.50 -12.04 23.07
C ASP B 333 12.40 -12.07 21.55
N LEU B 334 12.68 -10.93 20.93
CA LEU B 334 12.58 -10.79 19.47
C LEU B 334 13.93 -11.02 18.82
N TYR B 335 13.95 -11.92 17.82
CA TYR B 335 15.13 -12.23 17.03
C TYR B 335 14.81 -11.96 15.56
N LEU B 336 15.78 -11.42 14.83
CA LEU B 336 15.57 -11.05 13.44
C LEU B 336 16.51 -11.86 12.55
N SER B 337 15.97 -12.39 11.45
CA SER B 337 16.80 -13.22 10.57
C SER B 337 16.34 -13.07 9.13
N GLY B 338 16.86 -13.94 8.27
CA GLY B 338 16.68 -13.80 6.85
C GLY B 338 17.60 -12.75 6.30
N ALA B 339 17.09 -11.95 5.37
CA ALA B 339 17.90 -10.97 4.68
C ALA B 339 18.27 -9.82 5.61
N GLY B 340 19.32 -9.09 5.22
CA GLY B 340 19.67 -7.81 5.79
C GLY B 340 20.64 -7.80 6.94
N LEU B 341 21.15 -8.96 7.36
CA LEU B 341 22.04 -8.96 8.52
C LEU B 341 23.41 -8.39 8.17
N ALA B 342 23.97 -7.62 9.11
CA ALA B 342 25.36 -7.22 9.05
C ALA B 342 26.27 -8.45 9.16
N ASP B 343 27.55 -8.28 8.81
CA ASP B 343 28.51 -9.36 9.03
C ASP B 343 28.92 -9.45 10.50
N GLY B 344 28.89 -8.33 11.21
CA GLY B 344 29.26 -8.29 12.62
C GLY B 344 29.79 -6.91 12.97
N TYR B 345 30.49 -6.85 14.10
CA TYR B 345 31.09 -5.62 14.60
C TYR B 345 32.60 -5.63 14.33
N LEU B 346 33.11 -4.52 13.80
CA LEU B 346 34.53 -4.45 13.51
C LEU B 346 35.35 -4.57 14.79
N ARG B 347 36.41 -5.38 14.72
CA ARG B 347 37.37 -5.60 15.81
C ARG B 347 36.77 -6.29 17.02
N ARG B 348 35.54 -6.82 16.93
CA ARG B 348 34.82 -7.31 18.12
C ARG B 348 34.16 -8.65 17.79
N ALA B 349 35.00 -9.69 17.68
CA ALA B 349 34.50 -11.03 17.41
C ALA B 349 33.59 -11.53 18.53
N GLY B 350 33.98 -11.26 19.77
CA GLY B 350 33.18 -11.73 20.90
C GLY B 350 31.79 -11.14 20.87
N LEU B 351 31.70 -9.82 20.72
CA LEU B 351 30.41 -9.16 20.68
C LEU B 351 29.58 -9.64 19.50
N THR B 352 30.23 -9.92 18.36
CA THR B 352 29.51 -10.46 17.21
C THR B 352 28.86 -11.81 17.51
N ALA B 353 29.63 -12.74 18.10
CA ALA B 353 29.22 -14.08 18.47
C ALA B 353 28.15 -14.05 19.53
N GLU B 354 28.06 -12.93 20.23
CA GLU B 354 27.12 -12.76 21.33
C GLU B 354 25.77 -12.23 20.88
N ARG B 355 25.73 -11.55 19.75
N ARG B 355 25.73 -11.55 19.73
CA ARG B 355 24.47 -10.96 19.23
CA ARG B 355 24.48 -10.96 19.24
C ARG B 355 24.02 -11.53 17.89
C ARG B 355 24.02 -11.51 17.89
N PHE B 356 24.94 -12.02 17.08
CA PHE B 356 24.60 -12.68 15.82
C PHE B 356 24.72 -14.18 16.04
N VAL B 357 23.64 -14.81 16.49
CA VAL B 357 23.69 -16.15 17.05
C VAL B 357 23.05 -17.14 16.06
N ALA B 358 23.31 -18.42 16.30
CA ALA B 358 22.74 -19.47 15.46
C ALA B 358 21.22 -19.38 15.43
N ASP B 359 20.64 -19.60 14.24
CA ASP B 359 19.20 -19.56 14.04
C ASP B 359 18.65 -20.98 13.94
N PRO B 360 17.88 -21.44 14.93
CA PRO B 360 17.41 -22.84 14.89
C PRO B 360 16.44 -23.14 13.76
N SER B 361 15.90 -22.13 13.07
CA SER B 361 14.93 -22.36 12.01
C SER B 361 15.52 -22.36 10.60
N ALA B 362 16.81 -22.16 10.43
CA ALA B 362 17.40 -22.02 9.11
C ALA B 362 18.81 -22.59 9.14
N PRO B 363 19.10 -23.65 8.39
CA PRO B 363 20.36 -24.37 8.60
C PRO B 363 21.56 -23.46 8.36
N GLY B 364 22.47 -23.45 9.33
CA GLY B 364 23.69 -22.69 9.23
C GLY B 364 23.54 -21.19 9.29
N ALA B 365 22.32 -20.67 9.45
CA ALA B 365 22.08 -19.24 9.35
C ALA B 365 22.15 -18.57 10.72
N ARG B 366 22.22 -17.25 10.72
CA ARG B 366 22.29 -16.45 11.93
C ARG B 366 21.00 -15.67 12.14
N MET B 367 20.74 -15.31 13.40
CA MET B 367 19.69 -14.36 13.74
C MET B 367 20.25 -13.32 14.69
N TYR B 368 19.75 -12.09 14.59
CA TYR B 368 20.25 -10.98 15.40
C TYR B 368 19.35 -10.81 16.63
N ARG B 369 19.98 -10.77 17.81
CA ARG B 369 19.25 -10.55 19.06
C ARG B 369 19.00 -9.06 19.27
N THR B 370 17.74 -8.65 19.13
CA THR B 370 17.41 -7.23 19.23
C THR B 370 17.58 -6.69 20.64
N GLY B 371 17.40 -7.55 21.65
CA GLY B 371 17.27 -7.07 23.01
C GLY B 371 15.95 -6.42 23.31
N ASP B 372 14.99 -6.52 22.39
CA ASP B 372 13.64 -6.03 22.60
C ASP B 372 12.70 -7.19 22.89
N LEU B 373 11.59 -6.87 23.54
CA LEU B 373 10.49 -7.80 23.77
C LEU B 373 9.39 -7.51 22.77
N ALA B 374 8.62 -8.53 22.44
CA ALA B 374 7.53 -8.36 21.49
C ALA B 374 6.53 -9.49 21.69
N GLN B 375 5.35 -9.31 21.12
CA GLN B 375 4.34 -10.36 21.07
C GLN B 375 3.71 -10.34 19.69
N TRP B 376 3.28 -11.52 19.25
CA TRP B 376 2.55 -11.63 18.00
C TRP B 376 1.06 -11.36 18.19
N THR B 377 0.45 -10.75 17.20
CA THR B 377 -1.00 -10.81 17.16
C THR B 377 -1.40 -12.17 16.57
N ALA B 378 -2.69 -12.50 16.66
CA ALA B 378 -3.18 -13.77 16.14
C ALA B 378 -2.90 -13.92 14.65
N ASP B 379 -2.90 -12.81 13.91
CA ASP B 379 -2.73 -12.86 12.47
C ASP B 379 -1.33 -12.49 12.01
N GLY B 380 -0.35 -12.51 12.91
CA GLY B 380 1.04 -12.49 12.52
C GLY B 380 1.71 -11.14 12.45
N ALA B 381 1.15 -10.11 13.05
CA ALA B 381 1.88 -8.86 13.22
C ALA B 381 2.56 -8.85 14.58
N LEU B 382 3.53 -7.94 14.74
CA LEU B 382 4.30 -7.81 15.98
C LEU B 382 4.00 -6.52 16.71
N LEU B 383 3.82 -6.63 18.03
CA LEU B 383 3.69 -5.48 18.92
C LEU B 383 4.95 -5.36 19.78
N PHE B 384 5.50 -4.15 19.84
CA PHE B 384 6.62 -3.86 20.73
C PHE B 384 6.16 -4.01 22.18
N ALA B 385 7.01 -4.62 23.02
CA ALA B 385 6.68 -4.83 24.43
C ALA B 385 7.79 -4.39 25.38
N GLY B 386 8.69 -3.52 24.92
CA GLY B 386 9.72 -2.92 25.74
C GLY B 386 11.05 -3.63 25.62
N ARG B 387 12.03 -3.05 26.31
CA ARG B 387 13.39 -3.60 26.37
C ARG B 387 13.44 -4.81 27.30
N ALA B 388 14.28 -5.78 26.96
CA ALA B 388 14.47 -6.92 27.86
C ALA B 388 15.26 -6.68 29.15
N THR C 2 16.53 -12.61 32.41
CA THR C 2 16.36 -14.03 32.22
C THR C 2 16.65 -14.43 30.78
N ASN C 3 17.08 -13.49 29.94
CA ASN C 3 17.37 -13.91 28.59
C ASN C 3 18.49 -14.94 28.66
N PRO C 4 18.43 -16.03 27.90
CA PRO C 4 19.44 -17.06 28.18
C PRO C 4 20.81 -16.67 27.67
N PHE C 5 20.86 -15.83 26.64
CA PHE C 5 22.15 -15.45 26.08
C PHE C 5 22.89 -14.44 26.93
N ASP C 6 22.14 -13.68 27.74
CA ASP C 6 22.67 -12.60 28.55
C ASP C 6 22.84 -12.97 30.01
N ASN C 7 22.70 -14.25 30.36
CA ASN C 7 22.90 -14.70 31.73
C ASN C 7 24.39 -14.84 31.98
N GLU C 8 24.95 -13.91 32.76
CA GLU C 8 26.39 -13.93 33.03
C GLU C 8 26.82 -15.21 33.73
N ASP C 9 25.89 -15.88 34.41
CA ASP C 9 26.17 -17.07 35.19
C ASP C 9 25.66 -18.34 34.53
N GLY C 10 25.30 -18.26 33.25
CA GLY C 10 24.86 -19.41 32.50
C GLY C 10 25.99 -20.33 32.10
N SER C 11 25.59 -21.46 31.51
CA SER C 11 26.51 -22.42 30.92
C SER C 11 26.36 -22.34 29.41
N PHE C 12 27.49 -22.20 28.69
CA PHE C 12 27.43 -21.88 27.28
C PHE C 12 28.34 -22.77 26.45
N LEU C 13 28.00 -22.87 25.17
CA LEU C 13 28.85 -23.42 24.13
C LEU C 13 29.29 -22.31 23.18
N VAL C 14 30.35 -22.58 22.43
CA VAL C 14 30.67 -21.85 21.20
C VAL C 14 30.38 -22.76 20.01
N LEU C 15 29.60 -22.27 19.05
CA LEU C 15 29.28 -22.97 17.82
C LEU C 15 29.93 -22.28 16.62
N VAL C 16 30.26 -23.06 15.59
N VAL C 16 30.21 -23.05 15.57
CA VAL C 16 30.70 -22.51 14.32
CA VAL C 16 30.74 -22.51 14.32
C VAL C 16 29.79 -23.04 13.22
C VAL C 16 29.95 -23.11 13.16
N ASN C 17 29.72 -22.30 12.12
CA ASN C 17 29.04 -22.74 10.92
C ASN C 17 30.07 -22.86 9.80
N GLY C 18 29.58 -23.21 8.61
CA GLY C 18 30.44 -23.41 7.45
C GLY C 18 31.16 -22.17 6.98
N GLU C 19 30.62 -20.99 7.28
CA GLU C 19 31.28 -19.73 6.96
C GLU C 19 32.31 -19.33 8.00
N GLY C 20 32.56 -20.15 9.01
CA GLY C 20 33.49 -19.80 10.06
C GLY C 20 32.99 -18.80 11.07
N GLN C 21 31.72 -18.44 11.01
CA GLN C 21 31.13 -17.53 11.99
C GLN C 21 30.90 -18.27 13.30
N HIS C 22 31.23 -17.60 14.40
CA HIS C 22 31.08 -18.19 15.73
C HIS C 22 29.83 -17.64 16.41
N SER C 23 29.20 -18.49 17.22
CA SER C 23 28.00 -18.10 17.97
C SER C 23 28.12 -18.58 19.41
N LEU C 24 27.80 -17.71 20.35
CA LEU C 24 27.50 -18.13 21.72
C LEU C 24 26.21 -18.95 21.69
N TRP C 25 26.08 -19.94 22.57
CA TRP C 25 24.89 -20.77 22.56
C TRP C 25 24.59 -21.36 23.93
N PRO C 26 23.34 -21.25 24.39
CA PRO C 26 23.11 -21.87 25.69
C PRO C 26 23.32 -23.39 25.68
N ALA C 27 23.99 -23.91 26.68
CA ALA C 27 24.33 -25.32 26.73
C ALA C 27 23.09 -26.22 26.77
N PHE C 28 22.07 -25.76 27.44
CA PHE C 28 20.82 -26.52 27.56
C PHE C 28 20.14 -26.74 26.21
N ALA C 29 20.20 -25.76 25.33
CA ALA C 29 19.58 -25.83 24.01
C ALA C 29 20.22 -26.75 22.96
N GLU C 30 19.37 -27.40 22.16
CA GLU C 30 19.86 -28.27 21.12
C GLU C 30 20.61 -27.44 20.10
N VAL C 31 21.72 -27.95 19.63
CA VAL C 31 22.49 -27.22 18.68
C VAL C 31 21.78 -27.20 17.35
N PRO C 32 21.70 -26.02 16.74
CA PRO C 32 20.98 -25.92 15.48
C PRO C 32 21.66 -26.60 14.29
N ASP C 33 20.87 -26.99 13.33
CA ASP C 33 21.42 -27.61 12.12
CA ASP C 33 21.44 -27.61 12.14
C ASP C 33 22.36 -26.64 11.37
N GLY C 34 23.46 -27.17 10.86
CA GLY C 34 24.42 -26.32 10.17
C GLY C 34 25.44 -25.71 11.12
N TRP C 35 25.31 -26.01 12.41
CA TRP C 35 26.22 -25.48 13.41
C TRP C 35 26.89 -26.64 14.14
N THR C 36 28.13 -26.41 14.56
CA THR C 36 28.92 -27.41 15.26
C THR C 36 29.52 -26.81 16.52
N GLY C 37 29.38 -27.51 17.64
CA GLY C 37 29.98 -27.05 18.88
C GLY C 37 31.48 -27.29 18.86
N VAL C 38 32.24 -26.26 19.22
CA VAL C 38 33.70 -26.35 19.24
C VAL C 38 34.29 -26.03 20.60
N HIS C 39 33.48 -25.62 21.58
CA HIS C 39 33.99 -25.29 22.90
C HIS C 39 32.85 -25.32 23.90
N GLY C 40 33.17 -25.73 25.12
CA GLY C 40 32.21 -25.78 26.20
C GLY C 40 31.67 -27.17 26.43
N PRO C 41 30.74 -27.31 27.37
CA PRO C 41 30.16 -26.25 28.19
C PRO C 41 31.11 -25.49 29.09
N ALA C 42 30.89 -24.18 29.16
CA ALA C 42 31.77 -23.31 29.89
C ALA C 42 31.10 -22.00 30.22
N SER C 43 31.75 -21.18 31.00
CA SER C 43 31.23 -19.88 31.36
C SER C 43 31.17 -18.95 30.17
N ARG C 44 30.31 -17.97 30.26
CA ARG C 44 30.13 -17.06 29.15
C ARG C 44 31.42 -16.33 28.83
N GLN C 45 32.12 -15.91 29.87
CA GLN C 45 33.39 -15.23 29.68
C GLN C 45 34.43 -16.13 29.04
N ASP C 46 34.48 -17.39 29.44
CA ASP C 46 35.38 -18.31 28.82
C ASP C 46 35.06 -18.54 27.34
N CYS C 47 33.78 -18.70 27.02
CA CYS C 47 33.37 -18.86 25.64
C CYS C 47 33.66 -17.65 24.78
N LEU C 48 33.39 -16.49 25.30
CA LEU C 48 33.70 -15.26 24.60
C LEU C 48 35.23 -15.15 24.43
N GLY C 49 35.99 -15.54 25.44
CA GLY C 49 37.44 -15.52 25.32
C GLY C 49 37.91 -16.46 24.22
N TYR C 50 37.31 -17.63 24.13
CA TYR C 50 37.63 -18.55 23.05
C TYR C 50 37.35 -17.90 21.71
N VAL C 51 36.20 -17.24 21.60
CA VAL C 51 35.87 -16.57 20.34
C VAL C 51 36.92 -15.54 20.00
N GLU C 52 37.32 -14.72 20.97
CA GLU C 52 38.28 -13.67 20.70
C GLU C 52 39.62 -14.25 20.26
N GLN C 53 40.02 -15.38 20.87
CA GLN C 53 41.29 -16.01 20.51
C GLN C 53 41.22 -16.69 19.15
N ASN C 54 40.07 -17.24 18.75
CA ASN C 54 40.04 -18.14 17.60
C ASN C 54 39.32 -17.57 16.38
N TRP C 55 38.43 -16.61 16.53
CA TRP C 55 37.75 -16.00 15.39
C TRP C 55 38.50 -14.70 15.12
N THR C 56 39.56 -14.78 14.31
CA THR C 56 40.45 -13.65 14.11
C THR C 56 40.21 -12.92 12.80
N ASP C 57 39.39 -13.48 11.92
CA ASP C 57 39.04 -12.88 10.64
C ASP C 57 37.52 -12.96 10.51
N LEU C 58 36.86 -11.81 10.64
CA LEU C 58 35.40 -11.80 10.66
C LEU C 58 34.79 -12.01 9.28
N ARG C 59 35.59 -12.00 8.22
CA ARG C 59 35.05 -12.22 6.88
C ARG C 59 34.50 -13.64 6.77
N PRO C 60 33.31 -13.83 6.23
CA PRO C 60 32.83 -15.20 5.98
C PRO C 60 33.81 -15.97 5.11
N LYS C 61 33.98 -17.27 5.40
CA LYS C 61 35.01 -18.03 4.69
C LYS C 61 34.75 -18.06 3.19
N SER C 62 33.47 -18.06 2.78
CA SER C 62 33.15 -18.07 1.36
C SER C 62 33.68 -16.81 0.65
N LEU C 63 33.71 -15.68 1.35
CA LEU C 63 34.27 -14.46 0.76
C LEU C 63 35.76 -14.62 0.49
N ILE C 64 36.50 -15.09 1.49
CA ILE C 64 37.95 -15.23 1.36
C ILE C 64 38.27 -16.21 0.23
N SER C 65 37.50 -17.31 0.18
CA SER C 65 37.87 -18.46 -0.65
C SER C 65 37.41 -18.27 -2.08
N GLN C 66 36.27 -17.60 -2.28
CA GLN C 66 35.65 -17.61 -3.60
C GLN C 66 36.51 -16.92 -4.65
N ILE C 67 36.75 -17.62 -5.76
CA ILE C 67 37.38 -17.02 -6.93
C ILE C 67 36.47 -17.06 -8.16
N SER C 68 35.42 -17.88 -8.17
CA SER C 68 34.64 -18.08 -9.38
C SER C 68 33.84 -16.83 -9.72
N ASP C 69 33.75 -16.53 -11.01
CA ASP C 69 32.96 -15.42 -11.50
C ASP C 69 31.57 -15.93 -11.86
N THR D 2 -32.12 -21.25 9.04
CA THR D 2 -32.85 -20.15 8.44
C THR D 2 -32.53 -18.80 9.07
N ASN D 3 -32.22 -17.83 8.21
CA ASN D 3 -32.00 -16.46 8.64
C ASN D 3 -33.25 -15.93 9.33
N PRO D 4 -33.13 -15.24 10.46
CA PRO D 4 -34.36 -14.83 11.18
C PRO D 4 -35.25 -13.89 10.37
N PHE D 5 -34.69 -13.10 9.45
CA PHE D 5 -35.54 -12.25 8.62
C PHE D 5 -36.32 -13.03 7.56
N ASP D 6 -35.99 -14.30 7.34
CA ASP D 6 -36.68 -15.14 6.37
C ASP D 6 -37.60 -16.18 7.00
N ASN D 7 -37.74 -16.17 8.32
CA ASN D 7 -38.48 -17.24 9.00
C ASN D 7 -39.97 -17.00 8.83
N GLU D 8 -40.61 -17.80 7.98
CA GLU D 8 -42.02 -17.59 7.69
C GLU D 8 -42.90 -17.89 8.89
N ASP D 9 -42.41 -18.63 9.90
CA ASP D 9 -43.19 -18.88 11.10
C ASP D 9 -42.87 -17.92 12.24
N GLY D 10 -42.03 -16.92 11.99
CA GLY D 10 -41.67 -15.96 13.01
C GLY D 10 -42.74 -14.90 13.25
N SER D 11 -42.57 -14.18 14.35
CA SER D 11 -43.38 -13.02 14.69
C SER D 11 -42.57 -11.78 14.39
N PHE D 12 -43.18 -10.79 13.73
CA PHE D 12 -42.42 -9.66 13.22
C PHE D 12 -43.08 -8.32 13.53
N LEU D 13 -42.22 -7.29 13.60
CA LEU D 13 -42.61 -5.89 13.63
C LEU D 13 -42.24 -5.19 12.33
N VAL D 14 -42.90 -4.06 12.08
CA VAL D 14 -42.40 -3.05 11.15
C VAL D 14 -41.87 -1.87 11.95
N LEU D 15 -40.67 -1.42 11.60
CA LEU D 15 -40.04 -0.27 12.23
C LEU D 15 -39.87 0.84 11.20
N VAL D 16 -39.89 2.09 11.67
CA VAL D 16 -39.62 3.24 10.84
CA VAL D 16 -39.63 3.26 10.85
C VAL D 16 -38.57 4.10 11.55
N ASN D 17 -37.73 4.76 10.76
CA ASN D 17 -36.73 5.66 11.29
C ASN D 17 -37.13 7.10 10.99
N GLY D 18 -36.25 8.03 11.36
CA GLY D 18 -36.57 9.43 11.17
C GLY D 18 -36.64 9.84 9.72
N GLU D 19 -36.08 9.03 8.83
CA GLU D 19 -36.14 9.31 7.40
C GLU D 19 -37.35 8.66 6.73
N GLY D 20 -38.24 8.03 7.50
CA GLY D 20 -39.39 7.39 6.91
C GLY D 20 -39.11 6.04 6.28
N GLN D 21 -37.87 5.54 6.37
CA GLN D 21 -37.52 4.23 5.84
C GLN D 21 -38.12 3.16 6.75
N HIS D 22 -38.65 2.10 6.14
CA HIS D 22 -39.26 1.01 6.89
C HIS D 22 -38.33 -0.20 6.93
N SER D 23 -38.40 -0.95 8.03
CA SER D 23 -37.65 -2.19 8.19
C SER D 23 -38.55 -3.26 8.80
N LEU D 24 -38.49 -4.46 8.27
CA LEU D 24 -38.99 -5.62 9.00
C LEU D 24 -38.06 -5.90 10.16
N TRP D 25 -38.61 -6.50 11.21
CA TRP D 25 -37.81 -6.77 12.37
C TRP D 25 -38.33 -7.97 13.15
N PRO D 26 -37.47 -8.91 13.52
CA PRO D 26 -37.97 -10.05 14.31
C PRO D 26 -38.40 -9.56 15.68
N ALA D 27 -39.60 -9.94 16.09
CA ALA D 27 -40.18 -9.39 17.30
C ALA D 27 -39.38 -9.76 18.54
N PHE D 28 -38.55 -10.79 18.45
CA PHE D 28 -37.76 -11.21 19.62
C PHE D 28 -36.58 -10.27 19.86
N ALA D 29 -36.24 -9.41 18.92
CA ALA D 29 -35.02 -8.62 19.03
C ALA D 29 -35.34 -7.22 19.52
N GLU D 30 -34.49 -6.73 20.41
CA GLU D 30 -34.57 -5.34 20.86
C GLU D 30 -34.58 -4.39 19.66
N VAL D 31 -35.46 -3.41 19.72
CA VAL D 31 -35.59 -2.42 18.66
C VAL D 31 -34.39 -1.47 18.71
N PRO D 32 -33.66 -1.30 17.62
CA PRO D 32 -32.48 -0.42 17.66
C PRO D 32 -32.84 1.04 17.94
N ASP D 33 -31.89 1.77 18.50
CA ASP D 33 -32.05 3.20 18.71
C ASP D 33 -32.34 3.89 17.39
N GLY D 34 -33.25 4.86 17.42
CA GLY D 34 -33.61 5.61 16.24
C GLY D 34 -34.70 4.98 15.40
N TRP D 35 -35.24 3.84 15.83
CA TRP D 35 -36.30 3.16 15.10
C TRP D 35 -37.50 3.02 16.03
N THR D 36 -38.69 3.18 15.45
CA THR D 36 -39.95 3.08 16.18
C THR D 36 -40.80 1.98 15.57
N GLY D 37 -41.36 1.12 16.42
CA GLY D 37 -42.30 0.13 15.94
C GLY D 37 -43.63 0.79 15.60
N VAL D 38 -44.14 0.50 14.40
CA VAL D 38 -45.39 1.06 13.93
C VAL D 38 -46.41 -0.02 13.57
N HIS D 39 -46.05 -1.30 13.61
CA HIS D 39 -46.97 -2.36 13.27
C HIS D 39 -46.43 -3.66 13.88
N GLY D 40 -47.35 -4.53 14.30
CA GLY D 40 -46.99 -5.82 14.83
C GLY D 40 -47.02 -5.83 16.35
N PRO D 41 -46.69 -6.99 16.95
CA PRO D 41 -46.24 -8.23 16.32
C PRO D 41 -47.28 -8.86 15.38
N ALA D 42 -46.83 -9.36 14.23
CA ALA D 42 -47.71 -9.89 13.20
C ALA D 42 -46.91 -10.87 12.34
N SER D 43 -47.60 -11.55 11.44
CA SER D 43 -46.91 -12.50 10.58
C SER D 43 -45.94 -11.76 9.66
N ARG D 44 -44.99 -12.52 9.11
CA ARG D 44 -44.03 -11.94 8.17
C ARG D 44 -44.76 -11.34 6.97
N GLN D 45 -45.73 -12.06 6.42
CA GLN D 45 -46.47 -11.59 5.25
C GLN D 45 -47.30 -10.37 5.58
N ASP D 46 -47.93 -10.35 6.75
CA ASP D 46 -48.70 -9.19 7.18
C ASP D 46 -47.83 -7.95 7.24
N CYS D 47 -46.61 -8.09 7.75
CA CYS D 47 -45.69 -6.95 7.82
C CYS D 47 -45.29 -6.48 6.43
N LEU D 48 -45.07 -7.40 5.50
CA LEU D 48 -44.73 -7.00 4.14
C LEU D 48 -45.89 -6.21 3.52
N GLY D 49 -47.12 -6.62 3.80
CA GLY D 49 -48.27 -5.90 3.27
C GLY D 49 -48.37 -4.49 3.83
N TYR D 50 -48.14 -4.35 5.13
CA TYR D 50 -48.12 -3.02 5.75
C TYR D 50 -47.09 -2.11 5.08
N VAL D 51 -45.89 -2.63 4.81
CA VAL D 51 -44.85 -1.80 4.22
C VAL D 51 -45.24 -1.38 2.81
N GLU D 52 -45.70 -2.33 2.00
CA GLU D 52 -46.06 -2.01 0.62
C GLU D 52 -47.14 -0.96 0.57
N GLN D 53 -48.10 -1.04 1.49
CA GLN D 53 -49.18 -0.07 1.50
C GLN D 53 -48.70 1.31 1.92
N ASN D 54 -47.81 1.38 2.92
CA ASN D 54 -47.55 2.63 3.60
C ASN D 54 -46.23 3.30 3.27
N TRP D 55 -45.24 2.57 2.77
CA TRP D 55 -43.96 3.17 2.35
C TRP D 55 -43.98 3.45 0.88
N THR D 56 -44.68 4.50 0.51
CA THR D 56 -44.79 4.94 -0.89
C THR D 56 -43.56 5.45 -1.63
N ASP D 57 -42.71 6.22 -0.96
CA ASP D 57 -41.50 6.73 -1.58
C ASP D 57 -40.25 6.28 -0.84
N LEU D 58 -39.32 5.67 -1.55
CA LEU D 58 -38.07 5.16 -0.97
C LEU D 58 -37.19 6.23 -0.41
N ARG D 59 -37.17 7.39 -1.04
CA ARG D 59 -36.23 8.40 -0.63
C ARG D 59 -36.40 8.85 0.80
N PRO D 60 -35.27 9.07 1.45
CA PRO D 60 -35.36 9.49 2.84
C PRO D 60 -36.08 10.82 2.91
N LYS D 61 -36.92 10.98 3.89
CA LYS D 61 -37.77 12.16 4.01
C LYS D 61 -36.98 13.44 4.17
N SER D 62 -35.91 13.40 4.95
CA SER D 62 -35.04 14.56 5.07
C SER D 62 -34.93 15.36 3.78
C1 GOL E . -17.06 -6.82 -6.81
O1 GOL E . -18.13 -7.01 -5.94
C2 GOL E . -17.64 -6.84 -8.24
O2 GOL E . -18.71 -5.97 -8.37
C3 GOL E . -16.47 -6.42 -9.11
O3 GOL E . -15.42 -7.30 -8.82
H31 GOL E . -16.25 -5.49 -8.94
H32 GOL E . -16.73 -6.45 -10.04
HO3 GOL E . -15.32 -7.79 -9.50
O1 MES F . -43.65 -8.47 -19.27
C2 MES F . -42.68 -8.19 -18.27
C3 MES F . -41.29 -8.38 -18.86
N4 MES F . -41.17 -9.82 -19.09
C5 MES F . -42.39 -10.54 -19.44
C6 MES F . -43.26 -9.52 -20.17
C7 MES F . -40.01 -10.30 -19.85
C8 MES F . -38.73 -9.79 -19.18
S MES F . -37.60 -11.00 -19.19
O1S MES F . -37.12 -11.24 -20.56
O2S MES F . -36.44 -10.58 -18.36
O3S MES F . -38.17 -12.22 -18.61
H21 MES F . -42.81 -8.85 -17.41
H22 MES F . -42.80 -7.16 -17.92
H31 MES F . -41.18 -7.83 -19.80
H32 MES F . -40.52 -8.07 -18.19
HN4 MES F . -40.97 -10.16 -18.16
H51 MES F . -42.89 -10.89 -18.55
H52 MES F . -42.16 -11.39 -20.09
H61 MES F . -42.70 -9.09 -21.01
H62 MES F . -44.15 -10.01 -20.57
H71 MES F . -40.00 -11.40 -19.88
H72 MES F . -40.07 -9.94 -20.87
H81 MES F . -38.36 -8.91 -19.73
H82 MES F . -38.94 -9.48 -18.15
C1 GOL G . 14.16 2.36 11.85
O1 GOL G . 14.87 1.63 12.81
C2 GOL G . 14.91 3.69 11.68
O2 GOL G . 16.24 3.48 11.32
C3 GOL G . 14.15 4.43 10.58
O3 GOL G . 13.22 5.28 11.21
H31 GOL G . 13.74 3.77 9.99
H32 GOL G . 14.77 4.92 10.02
HO3 GOL G . 13.68 5.87 11.63
C1 GOL H . 9.53 1.63 17.03
O1 GOL H . 8.82 2.85 16.71
C2 GOL H . 9.32 1.43 18.50
O2 GOL H . 8.07 0.89 18.79
C3 GOL H . 10.37 0.43 18.99
O3 GOL H . 11.58 1.09 19.00
H11 GOL H . 9.21 0.86 16.53
H12 GOL H . 10.46 1.71 16.86
HO1 GOL H . 9.38 3.48 16.74
H2 GOL H . 9.38 2.27 18.98
HO2 GOL H . 8.13 0.05 18.72
H31 GOL H . 10.10 0.09 19.86
H32 GOL H . 10.38 -0.34 18.40
#